data_5QJS
#
_entry.id   5QJS
#
_cell.length_a   49.461
_cell.length_b   59.941
_cell.length_c   79.923
_cell.angle_alpha   79.530
_cell.angle_beta   81.320
_cell.angle_gamma   75.460
#
_symmetry.space_group_name_H-M   'P 1'
#
loop_
_entity.id
_entity.type
_entity.pdbx_description
1 polymer 'ADP-sugar pyrophosphatase'
2 non-polymer 'MAGNESIUM ION'
3 non-polymer 'CHLORIDE ION'
4 non-polymer 'methyl (2-methyl-4-phenyl-1,3-thiazol-5-yl)carbamate'
5 non-polymer 1,2-ETHANEDIOL
6 water water
#
_entity_poly.entity_id   1
_entity_poly.type   'polypeptide(L)'
_entity_poly.pdbx_seq_one_letter_code
;SMESQEPTESSQNGKQYIISEELISEGKWVKLEKTTYMDPTGKTRTWESVKRTTRKEQTADGVAVIPVLQRTLHYECIVL
VKQFRPPMGGYCIEFPAGLIDDGETPEAAALRELEEETGYKGDIAECSPAVCMDPGLSNCTIHIVTVTINGDDAENARPK
PKPGDGEFVEVISLPKNDLLQRLDALVAEEHLTVDARVYSYALALKHAN
;
_entity_poly.pdbx_strand_id   A,B,C,D
#
loop_
_chem_comp.id
_chem_comp.type
_chem_comp.name
_chem_comp.formula
CL non-polymer 'CHLORIDE ION' 'Cl -1'
EDO non-polymer 1,2-ETHANEDIOL 'C2 H6 O2'
K1Y non-polymer 'methyl (2-methyl-4-phenyl-1,3-thiazol-5-yl)carbamate' 'C12 H12 N2 O2 S'
MG non-polymer 'MAGNESIUM ION' 'Mg 2'
#
# COMPACT_ATOMS: atom_id res chain seq x y z
N LYS A 15 -40.97 8.38 21.64
CA LYS A 15 -42.23 7.70 21.26
C LYS A 15 -42.12 6.20 21.62
N GLN A 16 -41.10 5.50 21.13
CA GLN A 16 -41.03 4.02 21.28
C GLN A 16 -40.31 3.59 22.53
N TYR A 17 -40.77 2.50 23.12
CA TYR A 17 -40.13 1.98 24.33
C TYR A 17 -40.47 0.51 24.46
N ILE A 18 -39.79 -0.11 25.41
CA ILE A 18 -39.91 -1.55 25.62
C ILE A 18 -41.05 -1.76 26.60
N ILE A 19 -41.93 -2.71 26.30
CA ILE A 19 -43.00 -3.15 27.22
C ILE A 19 -42.62 -4.34 28.06
N SER A 20 -42.07 -5.37 27.43
CA SER A 20 -41.63 -6.53 28.18
C SER A 20 -40.54 -7.29 27.45
N GLU A 21 -39.77 -8.06 28.20
CA GLU A 21 -38.72 -8.92 27.65
C GLU A 21 -38.91 -10.33 28.27
N GLU A 22 -39.33 -11.28 27.45
CA GLU A 22 -39.64 -12.68 27.85
C GLU A 22 -38.53 -13.56 27.42
N LEU A 23 -37.91 -14.31 28.36
CA LEU A 23 -36.91 -15.29 27.98
C LEU A 23 -37.50 -16.35 27.04
N ILE A 24 -36.85 -16.62 25.93
CA ILE A 24 -37.16 -17.78 25.08
C ILE A 24 -36.19 -18.95 25.32
N SER A 25 -34.90 -18.68 25.47
CA SER A 25 -33.90 -19.75 25.69
C SER A 25 -32.61 -19.19 26.22
N GLU A 26 -32.04 -19.73 27.30
CA GLU A 26 -30.82 -19.20 27.88
C GLU A 26 -29.75 -20.27 27.84
N GLY A 27 -28.62 -19.99 27.15
CA GLY A 27 -27.41 -20.83 27.16
C GLY A 27 -26.49 -20.40 28.28
N LYS A 28 -25.26 -20.90 28.27
CA LYS A 28 -24.25 -20.41 29.24
C LYS A 28 -23.78 -18.99 28.89
N TRP A 29 -23.77 -18.68 27.59
CA TRP A 29 -23.15 -17.43 27.10
C TRP A 29 -24.08 -16.43 26.39
N VAL A 30 -25.17 -16.93 25.80
CA VAL A 30 -26.09 -16.19 24.98
C VAL A 30 -27.51 -16.64 25.30
N LYS A 31 -28.45 -15.68 25.34
CA LYS A 31 -29.89 -15.93 25.39
C LYS A 31 -30.66 -15.27 24.24
N LEU A 32 -31.85 -15.79 24.02
CA LEU A 32 -32.79 -15.30 23.05
C LEU A 32 -34.04 -14.84 23.81
N GLU A 33 -34.52 -13.65 23.52
CA GLU A 33 -35.68 -13.10 24.20
C GLU A 33 -36.75 -12.65 23.22
N LYS A 34 -38.00 -12.66 23.69
CA LYS A 34 -39.14 -12.11 22.96
C LYS A 34 -39.41 -10.72 23.52
N THR A 35 -39.15 -9.70 22.71
CA THR A 35 -39.24 -8.33 23.15
C THR A 35 -40.56 -7.83 22.69
N THR A 36 -41.32 -7.23 23.61
CA THR A 36 -42.53 -6.53 23.29
C THR A 36 -42.26 -5.04 23.47
N TYR A 37 -42.61 -4.30 22.44
CA TYR A 37 -42.43 -2.86 22.43
C TYR A 37 -43.60 -2.10 21.84
N MET A 38 -43.64 -0.82 22.20
CA MET A 38 -44.60 0.15 21.63
C MET A 38 -44.05 0.84 20.39
N ASP A 39 -44.81 0.81 19.30
CA ASP A 39 -44.42 1.48 18.03
C ASP A 39 -44.89 2.92 18.03
N PRO A 40 -44.40 3.72 17.10
CA PRO A 40 -44.79 5.11 17.17
C PRO A 40 -46.24 5.42 16.74
N THR A 41 -46.95 4.48 16.05
CA THR A 41 -48.43 4.59 15.84
C THR A 41 -49.24 4.32 17.14
N GLY A 42 -48.58 3.88 18.24
CA GLY A 42 -49.26 3.50 19.50
C GLY A 42 -49.63 2.01 19.52
N LYS A 43 -49.16 1.28 18.52
CA LYS A 43 -49.39 -0.16 18.36
C LYS A 43 -48.25 -1.03 19.00
N THR A 44 -48.66 -1.98 19.84
CA THR A 44 -47.80 -3.01 20.45
C THR A 44 -47.26 -3.96 19.33
N ARG A 45 -45.94 -4.17 19.26
CA ARG A 45 -45.28 -5.15 18.37
C ARG A 45 -44.21 -6.01 19.10
N THR A 46 -43.74 -7.08 18.45
CA THR A 46 -42.69 -7.88 19.06
C THR A 46 -41.43 -8.01 18.18
N TRP A 47 -40.36 -8.41 18.84
CA TRP A 47 -39.07 -8.61 18.20
C TRP A 47 -38.38 -9.81 18.85
N GLU A 48 -37.54 -10.49 18.10
CA GLU A 48 -36.70 -11.53 18.67
C GLU A 48 -35.31 -10.95 18.86
N SER A 49 -34.80 -10.99 20.10
CA SER A 49 -33.62 -10.26 20.50
C SER A 49 -32.62 -11.19 21.12
N VAL A 50 -31.36 -10.97 20.79
CA VAL A 50 -30.25 -11.72 21.36
C VAL A 50 -29.53 -10.87 22.36
N LYS A 51 -29.14 -11.49 23.47
CA LYS A 51 -28.28 -10.83 24.43
C LYS A 51 -27.20 -11.78 24.96
N ARG A 52 -26.08 -11.23 25.41
CA ARG A 52 -25.12 -12.05 26.16
C ARG A 52 -25.60 -12.23 27.59
N THR A 53 -25.24 -13.36 28.19
CA THR A 53 -25.44 -13.61 29.62
C THR A 53 -24.38 -13.05 30.53
N THR A 54 -23.31 -12.52 29.95
CA THR A 54 -22.10 -12.15 30.66
C THR A 54 -21.99 -10.67 31.09
N ARG A 55 -22.95 -9.81 30.80
CA ARG A 55 -22.82 -8.39 31.05
C ARG A 55 -23.34 -8.14 32.44
N LYS A 56 -22.50 -7.55 33.29
CA LYS A 56 -22.88 -7.21 34.66
C LYS A 56 -23.04 -5.70 34.78
N GLU A 57 -22.03 -5.03 35.32
CA GLU A 57 -22.06 -3.58 35.42
C GLU A 57 -21.16 -2.88 34.37
N GLN A 58 -20.71 -3.61 33.35
CA GLN A 58 -19.84 -3.03 32.32
C GLN A 58 -20.69 -2.04 31.52
N THR A 59 -20.03 -0.97 31.17
CA THR A 59 -20.64 0.02 30.32
C THR A 59 -20.84 -0.56 28.89
N ALA A 60 -20.37 -1.80 28.62
CA ALA A 60 -20.47 -2.49 27.36
C ALA A 60 -20.05 -3.91 27.57
N ASP A 61 -20.38 -4.76 26.63
CA ASP A 61 -19.98 -6.13 26.69
C ASP A 61 -18.47 -6.26 26.50
N GLY A 62 -17.91 -5.53 25.55
CA GLY A 62 -16.55 -5.80 25.11
C GLY A 62 -15.83 -4.54 24.64
N VAL A 63 -14.60 -4.75 24.20
CA VAL A 63 -13.81 -3.72 23.56
C VAL A 63 -13.28 -4.30 22.27
N ALA A 64 -13.06 -3.41 21.32
CA ALA A 64 -12.23 -3.70 20.13
C ALA A 64 -11.14 -2.58 20.09
N VAL A 65 -9.95 -2.95 19.73
CA VAL A 65 -8.83 -2.07 19.79
C VAL A 65 -8.42 -1.68 18.37
N ILE A 66 -8.24 -0.37 18.15
CA ILE A 66 -7.68 0.09 16.90
C ILE A 66 -6.20 0.41 17.24
N PRO A 67 -5.30 -0.49 16.89
CA PRO A 67 -3.91 -0.42 17.36
C PRO A 67 -3.02 0.11 16.24
N VAL A 68 -2.52 1.30 16.46
CA VAL A 68 -1.69 2.02 15.44
C VAL A 68 -0.23 1.85 15.75
N LEU A 69 0.43 0.97 15.00
CA LEU A 69 1.78 0.62 15.27
C LEU A 69 2.64 1.70 14.63
N GLN A 70 3.46 2.39 15.45
CA GLN A 70 4.29 3.56 14.99
C GLN A 70 5.77 3.23 15.22
N ARG A 71 6.58 3.36 14.16
CA ARG A 71 7.97 3.01 14.23
C ARG A 71 8.68 3.96 13.35
N THR A 72 9.83 4.44 13.86
CA THR A 72 10.62 5.42 13.10
C THR A 72 11.02 4.80 11.75
N LEU A 73 10.82 5.60 10.75
CA LEU A 73 11.18 5.30 9.33
C LEU A 73 10.35 4.13 8.78
N HIS A 74 9.15 4.00 9.34
CA HIS A 74 8.10 3.04 8.83
C HIS A 74 6.79 3.80 8.66
N TYR A 75 5.99 3.36 7.68
CA TYR A 75 4.66 3.86 7.60
C TYR A 75 3.89 3.20 8.77
N GLU A 76 2.91 3.91 9.26
CA GLU A 76 2.05 3.42 10.39
C GLU A 76 1.32 2.21 9.94
N CYS A 77 1.22 1.21 10.81
CA CYS A 77 0.46 -0.02 10.48
C CYS A 77 -0.73 -0.10 11.39
N ILE A 78 -1.75 -0.82 10.93
CA ILE A 78 -2.94 -1.16 11.76
C ILE A 78 -2.74 -2.60 12.10
N VAL A 79 -2.79 -2.97 13.39
CA VAL A 79 -2.48 -4.32 13.81
C VAL A 79 -3.84 -5.06 13.92
N LEU A 80 -3.96 -6.14 13.16
CA LEU A 80 -5.18 -6.91 13.05
C LEU A 80 -4.93 -8.32 13.49
N VAL A 81 -5.99 -9.01 13.86
CA VAL A 81 -5.85 -10.44 14.20
C VAL A 81 -6.74 -11.34 13.38
N LYS A 82 -6.27 -12.55 13.13
CA LYS A 82 -6.98 -13.60 12.35
C LYS A 82 -7.16 -14.82 13.27
N GLN A 83 -8.42 -15.26 13.37
CA GLN A 83 -8.80 -16.34 14.26
C GLN A 83 -9.91 -17.14 13.63
N PHE A 84 -10.06 -18.36 14.10
CA PHE A 84 -11.22 -19.13 13.68
C PHE A 84 -12.37 -18.69 14.58
N ARG A 85 -13.50 -18.44 13.97
CA ARG A 85 -14.75 -18.03 14.60
C ARG A 85 -15.80 -19.10 14.38
N PRO A 86 -16.12 -19.84 15.46
CA PRO A 86 -17.06 -20.94 15.25
C PRO A 86 -18.43 -20.51 14.73
N PRO A 87 -19.00 -19.37 15.17
CA PRO A 87 -20.26 -18.94 14.51
C PRO A 87 -20.24 -18.76 13.01
N MET A 88 -19.11 -18.30 12.50
CA MET A 88 -18.89 -18.11 11.12
C MET A 88 -18.45 -19.40 10.41
N GLY A 89 -18.00 -20.44 11.11
CA GLY A 89 -17.39 -21.63 10.46
C GLY A 89 -16.15 -21.40 9.60
N GLY A 90 -15.29 -20.47 10.02
CA GLY A 90 -14.22 -20.02 9.17
C GLY A 90 -13.39 -18.92 9.90
N TYR A 91 -12.30 -18.56 9.24
CA TYR A 91 -11.33 -17.59 9.72
C TYR A 91 -11.76 -16.13 9.42
N CYS A 92 -11.58 -15.23 10.40
CA CYS A 92 -12.01 -13.86 10.26
C CYS A 92 -10.85 -12.97 10.58
N ILE A 93 -10.77 -11.84 9.88
CA ILE A 93 -9.76 -10.80 10.19
C ILE A 93 -10.45 -9.65 10.93
N GLU A 94 -9.98 -9.39 12.14
CA GLU A 94 -10.62 -8.41 13.04
C GLU A 94 -9.64 -7.50 13.78
N PHE A 95 -10.15 -6.41 14.33
CA PHE A 95 -9.45 -5.66 15.34
C PHE A 95 -9.30 -6.58 16.53
N PRO A 96 -8.17 -6.49 17.25
CA PRO A 96 -8.07 -7.25 18.50
C PRO A 96 -9.22 -6.82 19.42
N ALA A 97 -9.75 -7.75 20.20
CA ALA A 97 -11.01 -7.55 20.92
C ALA A 97 -11.25 -8.61 21.92
N GLY A 98 -12.00 -8.25 22.97
CA GLY A 98 -12.52 -9.24 23.93
C GLY A 98 -13.50 -8.61 24.89
N LEU A 99 -14.08 -9.45 25.72
CA LEU A 99 -15.09 -8.98 26.61
C LEU A 99 -14.42 -8.25 27.79
N ILE A 100 -15.14 -7.34 28.43
CA ILE A 100 -14.59 -6.58 29.55
C ILE A 100 -14.80 -7.43 30.80
N ASP A 101 -13.76 -7.69 31.60
CA ASP A 101 -13.93 -8.47 32.90
C ASP A 101 -14.74 -7.60 33.84
N ASP A 102 -15.45 -8.22 34.78
CA ASP A 102 -16.22 -7.44 35.80
C ASP A 102 -15.28 -6.51 36.56
N GLY A 103 -15.61 -5.23 36.66
CA GLY A 103 -14.79 -4.27 37.39
C GLY A 103 -13.66 -3.67 36.61
N GLU A 104 -13.43 -4.17 35.40
CA GLU A 104 -12.34 -3.74 34.60
C GLU A 104 -12.84 -2.52 33.80
N THR A 105 -11.96 -1.56 33.55
CA THR A 105 -12.33 -0.39 32.74
C THR A 105 -12.21 -0.77 31.23
N PRO A 106 -12.92 -0.06 30.35
CA PRO A 106 -12.76 -0.36 28.87
C PRO A 106 -11.28 -0.18 28.46
N GLU A 107 -10.62 0.84 28.93
CA GLU A 107 -9.19 1.09 28.60
C GLU A 107 -8.27 -0.02 29.04
N ALA A 108 -8.40 -0.43 30.30
CA ALA A 108 -7.67 -1.59 30.81
C ALA A 108 -7.94 -2.87 29.99
N ALA A 109 -9.20 -3.19 29.72
CA ALA A 109 -9.56 -4.34 28.90
C ALA A 109 -8.85 -4.28 27.55
N ALA A 110 -8.88 -3.10 26.90
CA ALA A 110 -8.27 -2.92 25.53
C ALA A 110 -6.79 -3.17 25.56
N LEU A 111 -6.12 -2.53 26.50
CA LEU A 111 -4.67 -2.76 26.65
C LEU A 111 -4.34 -4.20 26.98
N ARG A 112 -5.13 -4.84 27.83
CA ARG A 112 -4.89 -6.24 28.19
C ARG A 112 -5.15 -7.18 26.99
N GLU A 113 -6.29 -7.03 26.34
CA GLU A 113 -6.57 -7.86 25.18
C GLU A 113 -5.56 -7.69 24.08
N LEU A 114 -5.18 -6.44 23.83
CA LEU A 114 -4.16 -6.14 22.84
C LEU A 114 -2.86 -6.87 23.14
N GLU A 115 -2.43 -6.83 24.40
CA GLU A 115 -1.21 -7.59 24.77
C GLU A 115 -1.39 -9.08 24.63
N GLU A 116 -2.52 -9.58 25.11
CA GLU A 116 -2.83 -11.03 25.07
C GLU A 116 -2.84 -11.58 23.66
N GLU A 117 -3.48 -10.84 22.76
CA GLU A 117 -3.70 -11.32 21.40
C GLU A 117 -2.53 -11.04 20.45
N THR A 118 -1.78 -9.97 20.68
CA THR A 118 -0.73 -9.55 19.77
C THR A 118 0.66 -9.57 20.34
N GLY A 119 0.75 -9.50 21.66
CA GLY A 119 2.04 -9.22 22.28
C GLY A 119 2.40 -7.77 22.54
N TYR A 120 1.81 -6.85 21.79
CA TYR A 120 2.14 -5.47 21.93
C TYR A 120 1.58 -4.76 23.17
N LYS A 121 2.43 -3.87 23.71
CA LYS A 121 2.05 -3.02 24.82
C LYS A 121 1.76 -1.65 24.31
N GLY A 122 0.49 -1.30 24.28
CA GLY A 122 0.08 -0.07 23.75
C GLY A 122 -0.04 1.06 24.70
N ASP A 123 -0.30 2.24 24.16
CA ASP A 123 -0.66 3.48 24.92
C ASP A 123 -2.04 3.99 24.54
N ILE A 124 -2.92 4.26 25.51
CA ILE A 124 -4.28 4.74 25.18
C ILE A 124 -4.22 6.06 24.42
N ALA A 125 -5.00 6.19 23.33
CA ALA A 125 -5.18 7.45 22.63
C ALA A 125 -6.55 7.99 22.85
N GLU A 126 -7.59 7.15 22.65
CA GLU A 126 -8.99 7.58 22.73
C GLU A 126 -9.86 6.39 23.03
N CYS A 127 -11.02 6.65 23.56
CA CYS A 127 -11.98 5.61 23.93
C CYS A 127 -13.39 6.06 23.63
N SER A 128 -14.09 5.31 22.79
CA SER A 128 -15.42 5.71 22.32
C SER A 128 -16.45 5.51 23.43
N PRO A 129 -17.62 6.16 23.31
CA PRO A 129 -18.80 5.61 24.00
C PRO A 129 -19.17 4.19 23.50
N ALA A 130 -19.98 3.51 24.31
CA ALA A 130 -20.52 2.25 23.99
C ALA A 130 -21.27 2.37 22.64
N VAL A 131 -20.84 1.57 21.69
CA VAL A 131 -21.42 1.51 20.32
C VAL A 131 -21.96 0.11 20.00
N CYS A 132 -23.04 0.04 19.21
CA CYS A 132 -23.78 -1.21 19.02
C CYS A 132 -23.21 -2.06 17.88
N MET A 133 -23.11 -3.34 18.16
CA MET A 133 -22.60 -4.31 17.25
C MET A 133 -23.53 -4.69 16.10
N ASP A 134 -24.83 -4.82 16.37
CA ASP A 134 -25.77 -5.31 15.36
C ASP A 134 -27.15 -5.11 15.97
N PRO A 135 -27.63 -3.85 15.99
CA PRO A 135 -28.68 -3.42 16.88
C PRO A 135 -30.02 -3.93 16.42
N GLY A 136 -30.18 -4.32 15.16
CA GLY A 136 -31.41 -5.05 14.73
C GLY A 136 -31.54 -6.49 15.22
N LEU A 137 -30.47 -7.04 15.78
CA LEU A 137 -30.38 -8.41 16.25
C LEU A 137 -30.11 -8.55 17.76
N SER A 138 -29.15 -7.81 18.25
CA SER A 138 -28.65 -7.94 19.61
C SER A 138 -28.50 -6.62 20.37
N ASN A 139 -28.37 -6.73 21.71
CA ASN A 139 -28.04 -5.59 22.52
C ASN A 139 -26.53 -5.47 22.67
N CYS A 140 -25.75 -6.23 21.96
CA CYS A 140 -24.28 -6.21 22.21
C CYS A 140 -23.66 -4.85 21.86
N THR A 141 -22.79 -4.41 22.78
CA THR A 141 -22.05 -3.18 22.65
C THR A 141 -20.58 -3.43 22.97
N ILE A 142 -19.79 -2.55 22.35
CA ILE A 142 -18.38 -2.34 22.63
C ILE A 142 -17.96 -0.93 22.82
N HIS A 143 -16.82 -0.73 23.49
CA HIS A 143 -16.05 0.54 23.32
C HIS A 143 -14.97 0.24 22.29
N ILE A 144 -14.82 1.15 21.36
CA ILE A 144 -13.77 1.13 20.41
C ILE A 144 -12.67 2.00 20.95
N VAL A 145 -11.55 1.36 21.24
CA VAL A 145 -10.41 2.05 21.92
C VAL A 145 -9.26 2.16 20.97
N THR A 146 -8.85 3.38 20.69
CA THR A 146 -7.68 3.65 19.80
C THR A 146 -6.48 3.66 20.69
N VAL A 147 -5.45 2.91 20.31
CA VAL A 147 -4.23 2.79 21.08
C VAL A 147 -3.08 2.93 20.11
N THR A 148 -2.03 3.64 20.51
CA THR A 148 -0.78 3.70 19.73
C THR A 148 0.24 2.76 20.31
N ILE A 149 1.02 2.13 19.47
CA ILE A 149 2.01 1.20 19.89
C ILE A 149 3.33 1.78 19.48
N ASN A 150 4.24 1.95 20.47
CA ASN A 150 5.55 2.57 20.15
C ASN A 150 6.41 1.37 19.73
N GLY A 151 6.49 1.14 18.42
CA GLY A 151 7.24 -0.04 17.94
C GLY A 151 8.76 0.09 18.04
N ASP A 152 9.22 1.30 18.39
CA ASP A 152 10.66 1.54 18.68
C ASP A 152 11.04 1.18 20.13
N ASP A 153 10.06 1.02 21.03
CA ASP A 153 10.34 0.55 22.38
C ASP A 153 10.78 -0.91 22.37
N ALA A 154 11.80 -1.25 23.15
CA ALA A 154 12.32 -2.64 23.23
C ALA A 154 11.26 -3.68 23.73
N GLU A 155 10.29 -3.20 24.54
CA GLU A 155 9.13 -3.97 24.98
C GLU A 155 8.36 -4.54 23.80
N ASN A 156 8.38 -3.86 22.67
CA ASN A 156 7.56 -4.21 21.53
C ASN A 156 8.36 -4.75 20.39
N ALA A 157 9.52 -5.32 20.70
CA ALA A 157 10.53 -5.61 19.70
C ALA A 157 10.21 -6.97 19.09
N ARG A 158 10.10 -7.99 19.93
CA ARG A 158 9.73 -9.34 19.46
C ARG A 158 8.48 -9.75 20.26
N PRO A 159 7.34 -9.05 20.02
CA PRO A 159 6.10 -9.31 20.77
C PRO A 159 5.60 -10.76 20.63
N LYS A 160 5.36 -11.45 21.75
CA LYS A 160 4.78 -12.81 21.78
C LYS A 160 3.32 -12.78 22.27
N PRO A 161 2.34 -13.18 21.45
CA PRO A 161 0.98 -13.40 22.04
C PRO A 161 0.94 -14.27 23.34
N LYS A 162 0.10 -13.90 24.31
CA LYS A 162 -0.26 -14.73 25.48
C LYS A 162 -1.71 -15.16 25.36
N PRO A 163 -2.00 -16.09 24.42
CA PRO A 163 -3.37 -16.62 24.37
C PRO A 163 -3.83 -17.27 25.70
N GLY A 164 -5.14 -17.18 25.98
CA GLY A 164 -5.79 -17.90 27.07
C GLY A 164 -6.09 -19.31 26.60
N ASP A 165 -6.85 -20.02 27.43
CA ASP A 165 -7.21 -21.40 27.11
C ASP A 165 -8.11 -21.43 25.82
N GLY A 166 -7.68 -22.14 24.78
CA GLY A 166 -8.47 -22.18 23.54
C GLY A 166 -8.48 -20.91 22.68
N GLU A 167 -7.51 -20.01 22.92
CA GLU A 167 -7.31 -18.81 22.11
C GLU A 167 -6.18 -19.19 21.18
N PHE A 168 -6.37 -18.93 19.88
CA PHE A 168 -5.36 -19.23 18.86
C PHE A 168 -5.39 -18.10 17.81
N VAL A 169 -4.48 -17.17 17.96
CA VAL A 169 -4.55 -15.90 17.25
C VAL A 169 -3.28 -15.70 16.43
N GLU A 170 -3.48 -15.33 15.17
CA GLU A 170 -2.37 -14.87 14.30
C GLU A 170 -2.45 -13.34 14.16
N VAL A 171 -1.29 -12.66 14.22
CA VAL A 171 -1.18 -11.26 14.09
C VAL A 171 -0.89 -10.84 12.64
N ILE A 172 -1.62 -9.87 12.15
CA ILE A 172 -1.46 -9.37 10.79
C ILE A 172 -1.40 -7.84 10.83
N SER A 173 -0.21 -7.31 10.60
CA SER A 173 -0.03 -5.84 10.55
C SER A 173 -0.02 -5.31 9.18
N LEU A 174 -0.90 -4.36 8.89
CA LEU A 174 -0.96 -3.81 7.52
C LEU A 174 -0.78 -2.32 7.47
N PRO A 175 -0.12 -1.77 6.41
CA PRO A 175 0.00 -0.33 6.37
C PRO A 175 -1.25 0.40 6.27
N LYS A 176 -1.42 1.39 7.15
CA LYS A 176 -2.57 2.22 7.12
C LYS A 176 -2.89 2.89 5.78
N ASN A 177 -1.82 3.29 5.09
CA ASN A 177 -1.92 4.03 3.86
C ASN A 177 -2.34 3.14 2.69
N ASP A 178 -2.42 1.83 2.89
CA ASP A 178 -2.89 0.92 1.78
C ASP A 178 -3.86 -0.13 2.36
N LEU A 179 -4.56 0.21 3.47
CA LEU A 179 -5.21 -0.86 4.21
C LEU A 179 -6.30 -1.64 3.41
N LEU A 180 -7.14 -0.92 2.71
CA LEU A 180 -8.23 -1.54 1.97
C LEU A 180 -7.67 -2.50 0.91
N GLN A 181 -6.64 -2.09 0.18
CA GLN A 181 -6.12 -2.95 -0.88
C GLN A 181 -5.43 -4.13 -0.30
N ARG A 182 -4.80 -3.96 0.85
CA ARG A 182 -4.16 -5.08 1.45
C ARG A 182 -5.12 -6.16 2.02
N LEU A 183 -6.22 -5.71 2.59
CA LEU A 183 -7.33 -6.58 3.01
C LEU A 183 -7.91 -7.32 1.79
N ASP A 184 -8.12 -6.58 0.71
CA ASP A 184 -8.64 -7.17 -0.57
C ASP A 184 -7.67 -8.24 -1.05
N ALA A 185 -6.38 -7.99 -1.03
CA ALA A 185 -5.41 -8.98 -1.41
C ALA A 185 -5.40 -10.22 -0.51
N LEU A 186 -5.62 -10.06 0.82
CA LEU A 186 -5.77 -11.25 1.68
C LEU A 186 -7.00 -12.07 1.38
N VAL A 187 -8.12 -11.41 1.13
CA VAL A 187 -9.41 -12.05 0.81
C VAL A 187 -9.32 -12.71 -0.56
N ALA A 188 -8.63 -12.07 -1.51
CA ALA A 188 -8.39 -12.73 -2.82
C ALA A 188 -7.59 -14.05 -2.66
N GLU A 189 -6.70 -14.14 -1.67
CA GLU A 189 -5.77 -15.28 -1.49
C GLU A 189 -6.26 -16.56 -0.75
N GLU A 190 -7.15 -16.42 0.24
CA GLU A 190 -7.79 -17.58 0.89
C GLU A 190 -9.25 -17.29 1.28
N HIS A 191 -9.94 -18.33 1.79
CA HIS A 191 -11.30 -18.17 2.29
C HIS A 191 -11.21 -17.57 3.68
N LEU A 192 -11.85 -16.43 3.85
CA LEU A 192 -11.77 -15.75 5.11
C LEU A 192 -12.48 -14.42 4.95
N THR A 193 -13.07 -13.97 6.05
CA THR A 193 -14.00 -12.89 6.08
C THR A 193 -13.32 -11.74 6.83
N VAL A 194 -13.46 -10.54 6.30
CA VAL A 194 -13.00 -9.37 6.99
C VAL A 194 -14.17 -8.87 7.79
N ASP A 195 -13.90 -8.46 9.01
CA ASP A 195 -14.89 -7.84 9.85
C ASP A 195 -15.40 -6.52 9.34
N ALA A 196 -16.70 -6.31 9.50
CA ALA A 196 -17.32 -5.08 9.07
C ALA A 196 -16.79 -3.77 9.64
N ARG A 197 -16.33 -3.81 10.88
CA ARG A 197 -15.69 -2.61 11.44
C ARG A 197 -14.34 -2.32 10.82
N VAL A 198 -13.56 -3.37 10.58
CA VAL A 198 -12.28 -3.23 9.96
C VAL A 198 -12.45 -2.70 8.53
N TYR A 199 -13.45 -3.25 7.82
CA TYR A 199 -13.71 -2.82 6.41
C TYR A 199 -14.16 -1.38 6.35
N SER A 200 -14.95 -0.99 7.32
CA SER A 200 -15.50 0.35 7.42
C SER A 200 -14.40 1.39 7.64
N TYR A 201 -13.48 1.04 8.52
CA TYR A 201 -12.32 1.88 8.82
C TYR A 201 -11.41 1.97 7.60
N ALA A 202 -11.11 0.83 6.99
CA ALA A 202 -10.35 0.84 5.75
C ALA A 202 -10.97 1.62 4.59
N LEU A 203 -12.26 1.51 4.41
CA LEU A 203 -12.99 2.39 3.49
C LEU A 203 -12.89 3.90 3.76
N ALA A 204 -13.09 4.32 5.03
CA ALA A 204 -12.94 5.70 5.38
C ALA A 204 -11.50 6.17 5.10
N LEU A 205 -10.48 5.36 5.37
CA LEU A 205 -9.09 5.77 5.08
C LEU A 205 -8.95 6.08 3.54
N LYS A 206 -9.59 5.26 2.70
CA LYS A 206 -9.67 5.56 1.24
C LYS A 206 -10.44 6.83 0.96
N HIS A 207 -11.63 6.98 1.52
CA HIS A 207 -12.49 8.11 1.21
C HIS A 207 -11.95 9.47 1.73
N ALA A 208 -11.05 9.46 2.72
CA ALA A 208 -10.43 10.67 3.15
C ALA A 208 -9.26 10.90 2.16
N LYS B 15 -6.45 -25.87 9.96
CA LYS B 15 -6.34 -26.57 11.24
C LYS B 15 -7.75 -26.62 11.86
N GLN B 16 -8.48 -25.51 11.97
CA GLN B 16 -9.77 -25.53 12.73
C GLN B 16 -10.99 -25.68 11.81
N TYR B 17 -12.04 -26.32 12.31
CA TYR B 17 -13.23 -26.57 11.48
C TYR B 17 -14.42 -27.00 12.33
N ILE B 18 -15.61 -26.87 11.75
CA ILE B 18 -16.84 -27.24 12.40
C ILE B 18 -16.97 -28.77 12.23
N ILE B 19 -17.41 -29.43 13.28
CA ILE B 19 -17.68 -30.83 13.29
C ILE B 19 -19.19 -30.97 13.14
N SER B 20 -19.96 -30.36 14.05
CA SER B 20 -21.43 -30.40 13.98
C SER B 20 -22.08 -29.21 14.70
N GLU B 21 -23.38 -29.05 14.48
CA GLU B 21 -24.14 -28.00 15.09
C GLU B 21 -25.34 -28.67 15.71
N GLU B 22 -25.65 -28.28 16.93
CA GLU B 22 -26.82 -28.74 17.62
C GLU B 22 -27.83 -27.61 17.77
N LEU B 23 -28.99 -27.69 17.13
CA LEU B 23 -30.03 -26.67 17.43
C LEU B 23 -30.41 -26.51 18.94
N ILE B 24 -30.30 -25.31 19.53
CA ILE B 24 -30.77 -25.09 20.94
C ILE B 24 -32.17 -24.49 20.90
N SER B 25 -32.41 -23.54 20.01
CA SER B 25 -33.71 -22.88 19.94
C SER B 25 -33.90 -22.10 18.65
N GLU B 26 -35.05 -22.25 18.01
CA GLU B 26 -35.32 -21.56 16.74
C GLU B 26 -36.55 -20.71 16.92
N GLY B 27 -36.43 -19.41 16.67
CA GLY B 27 -37.60 -18.54 16.60
C GLY B 27 -37.96 -18.43 15.13
N LYS B 28 -38.75 -17.42 14.79
CA LYS B 28 -39.07 -17.14 13.42
C LYS B 28 -37.97 -16.44 12.65
N TRP B 29 -37.20 -15.59 13.34
CA TRP B 29 -36.15 -14.78 12.71
C TRP B 29 -34.71 -15.12 13.13
N VAL B 30 -34.54 -15.74 14.30
CA VAL B 30 -33.21 -16.00 14.86
C VAL B 30 -33.23 -17.40 15.45
N LYS B 31 -32.12 -18.11 15.33
CA LYS B 31 -31.85 -19.35 16.08
C LYS B 31 -30.52 -19.37 16.85
N LEU B 32 -30.46 -20.11 17.96
CA LEU B 32 -29.30 -20.33 18.78
C LEU B 32 -28.86 -21.75 18.61
N GLU B 33 -27.59 -21.94 18.28
CA GLU B 33 -26.98 -23.31 18.08
C GLU B 33 -25.85 -23.54 19.02
N LYS B 34 -25.53 -24.79 19.29
CA LYS B 34 -24.34 -25.11 20.01
C LYS B 34 -23.43 -25.75 18.99
N THR B 35 -22.33 -25.09 18.69
CA THR B 35 -21.38 -25.49 17.65
C THR B 35 -20.28 -26.29 18.26
N THR B 36 -20.05 -27.46 17.67
CA THR B 36 -18.87 -28.23 18.01
C THR B 36 -17.75 -28.07 16.97
N TYR B 37 -16.55 -27.78 17.43
CA TYR B 37 -15.44 -27.50 16.49
C TYR B 37 -14.15 -28.11 17.03
N MET B 38 -13.22 -28.27 16.08
CA MET B 38 -11.89 -28.81 16.37
C MET B 38 -10.92 -27.67 16.55
N ASP B 39 -10.33 -27.60 17.72
CA ASP B 39 -9.35 -26.58 18.02
C ASP B 39 -8.02 -27.02 17.32
N PRO B 40 -7.04 -26.13 17.21
CA PRO B 40 -5.86 -26.54 16.40
C PRO B 40 -4.99 -27.61 17.07
N THR B 41 -5.06 -27.75 18.40
CA THR B 41 -4.37 -28.84 19.09
C THR B 41 -4.95 -30.24 18.85
N GLY B 42 -6.16 -30.35 18.26
CA GLY B 42 -6.89 -31.62 18.16
C GLY B 42 -7.90 -31.87 19.28
N LYS B 43 -8.16 -30.87 20.13
CA LYS B 43 -9.19 -30.96 21.18
C LYS B 43 -10.51 -30.39 20.65
N THR B 44 -11.59 -31.07 20.96
CA THR B 44 -12.91 -30.73 20.47
C THR B 44 -13.54 -29.74 21.46
N ARG B 45 -14.22 -28.71 20.94
CA ARG B 45 -14.74 -27.63 21.82
C ARG B 45 -16.08 -27.15 21.30
N THR B 46 -16.82 -26.44 22.17
CA THR B 46 -18.14 -25.98 21.90
C THR B 46 -18.21 -24.41 21.95
N TRP B 47 -19.13 -23.88 21.19
CA TRP B 47 -19.34 -22.43 21.10
C TRP B 47 -20.86 -22.22 20.98
N GLU B 48 -21.39 -21.18 21.61
CA GLU B 48 -22.81 -20.86 21.41
C GLU B 48 -22.85 -19.81 20.33
N SER B 49 -23.63 -20.09 19.30
CA SER B 49 -23.65 -19.35 18.06
C SER B 49 -25.07 -18.93 17.73
N VAL B 50 -25.19 -17.72 17.20
CA VAL B 50 -26.48 -17.18 16.73
C VAL B 50 -26.50 -17.14 15.21
N LYS B 51 -27.62 -17.52 14.61
CA LYS B 51 -27.78 -17.30 13.20
C LYS B 51 -29.17 -16.76 12.92
N ARG B 52 -29.29 -16.02 11.83
CA ARG B 52 -30.61 -15.64 11.33
C ARG B 52 -31.22 -16.86 10.63
N THR B 53 -32.55 -16.87 10.54
CA THR B 53 -33.28 -17.94 9.82
C THR B 53 -33.59 -17.49 8.37
N THR B 54 -33.34 -16.23 8.03
CA THR B 54 -33.75 -15.60 6.78
C THR B 54 -32.81 -15.76 5.58
N ARG B 55 -31.57 -16.15 5.78
CA ARG B 55 -30.67 -16.17 4.64
C ARG B 55 -30.97 -17.33 3.70
N LYS B 56 -30.74 -17.13 2.40
CA LYS B 56 -30.94 -18.16 1.35
C LYS B 56 -29.65 -18.46 0.59
N GLN B 58 -28.15 -16.20 -1.02
CA GLN B 58 -27.70 -14.85 -0.67
C GLN B 58 -26.19 -14.82 -0.46
N THR B 59 -25.58 -13.75 -0.99
CA THR B 59 -24.17 -13.36 -0.74
C THR B 59 -23.86 -13.05 0.75
N ALA B 60 -24.90 -12.83 1.55
CA ALA B 60 -24.83 -12.13 2.86
C ALA B 60 -26.27 -11.95 3.33
N ASP B 61 -26.45 -11.68 4.63
CA ASP B 61 -27.76 -11.42 5.19
C ASP B 61 -28.28 -10.07 4.68
N GLY B 62 -27.45 -9.04 4.84
CA GLY B 62 -27.85 -7.63 4.68
C GLY B 62 -26.89 -6.79 3.82
N VAL B 63 -27.33 -5.58 3.54
CA VAL B 63 -26.49 -4.50 3.05
C VAL B 63 -26.49 -3.40 4.09
N ALA B 64 -25.41 -2.64 4.14
CA ALA B 64 -25.40 -1.37 4.85
C ALA B 64 -24.83 -0.37 3.80
N VAL B 65 -25.38 0.79 3.76
CA VAL B 65 -25.06 1.76 2.77
C VAL B 65 -24.32 2.93 3.39
N ILE B 66 -23.15 3.19 2.85
CA ILE B 66 -22.48 4.45 3.14
C ILE B 66 -22.90 5.52 2.10
N PRO B 67 -23.81 6.45 2.49
CA PRO B 67 -24.33 7.35 1.46
C PRO B 67 -23.68 8.71 1.60
N VAL B 68 -22.97 9.10 0.56
CA VAL B 68 -22.25 10.34 0.50
C VAL B 68 -23.11 11.37 -0.28
N LEU B 69 -23.70 12.31 0.44
CA LEU B 69 -24.56 13.33 -0.13
C LEU B 69 -23.71 14.53 -0.61
N GLN B 70 -23.74 14.73 -1.91
CA GLN B 70 -22.85 15.72 -2.55
C GLN B 70 -23.66 16.85 -3.11
N ARG B 71 -23.58 18.04 -2.52
CA ARG B 71 -24.23 19.20 -3.03
C ARG B 71 -23.14 20.23 -3.29
N THR B 72 -23.20 20.86 -4.47
CA THR B 72 -22.25 21.92 -4.71
C THR B 72 -22.42 23.10 -3.72
N LEU B 73 -21.26 23.68 -3.38
CA LEU B 73 -21.10 24.78 -2.44
C LEU B 73 -21.52 24.42 -1.01
N HIS B 74 -21.59 23.13 -0.72
CA HIS B 74 -21.91 22.62 0.62
C HIS B 74 -20.87 21.65 1.03
N TYR B 75 -20.73 21.43 2.35
CA TYR B 75 -19.97 20.27 2.76
C TYR B 75 -20.61 18.98 2.31
N GLU B 76 -19.80 18.01 1.97
CA GLU B 76 -20.23 16.70 1.74
C GLU B 76 -20.72 16.13 3.09
N CYS B 77 -21.83 15.43 3.02
CA CYS B 77 -22.42 14.80 4.18
C CYS B 77 -22.53 13.26 3.99
N ILE B 78 -22.56 12.59 5.15
CA ILE B 78 -22.88 11.21 5.23
C ILE B 78 -24.26 11.16 5.78
N VAL B 79 -25.12 10.49 5.06
CA VAL B 79 -26.53 10.31 5.45
C VAL B 79 -26.76 9.08 6.37
N LEU B 80 -27.28 9.30 7.56
CA LEU B 80 -27.51 8.23 8.52
C LEU B 80 -28.96 8.23 8.93
N VAL B 81 -29.34 7.15 9.58
CA VAL B 81 -30.69 6.96 10.04
C VAL B 81 -30.72 6.70 11.52
N LYS B 82 -31.81 7.11 12.13
CA LYS B 82 -32.02 6.94 13.55
C LYS B 82 -33.35 6.20 13.65
N GLN B 83 -33.36 5.14 14.46
CA GLN B 83 -34.50 4.19 14.57
C GLN B 83 -34.48 3.62 15.99
N PHE B 84 -35.68 3.27 16.48
CA PHE B 84 -35.77 2.54 17.75
C PHE B 84 -35.36 1.11 17.43
N ARG B 85 -34.49 0.55 18.27
CA ARG B 85 -34.02 -0.83 18.03
C ARG B 85 -34.41 -1.68 19.21
N PRO B 86 -35.40 -2.57 19.01
CA PRO B 86 -35.88 -3.32 20.21
C PRO B 86 -34.83 -4.13 20.99
N PRO B 87 -33.89 -4.79 20.31
CA PRO B 87 -32.80 -5.45 21.07
C PRO B 87 -32.00 -4.50 21.95
N MET B 88 -31.83 -3.25 21.53
CA MET B 88 -31.08 -2.30 22.30
C MET B 88 -31.91 -1.61 23.33
N GLY B 89 -33.24 -1.61 23.19
CA GLY B 89 -34.09 -0.87 24.16
C GLY B 89 -34.06 0.62 23.95
N GLY B 90 -33.56 1.06 22.79
CA GLY B 90 -33.36 2.47 22.56
C GLY B 90 -33.13 2.79 21.10
N TYR B 91 -32.80 4.05 20.90
CA TYR B 91 -32.58 4.63 19.55
C TYR B 91 -31.08 4.52 19.19
N CYS B 92 -30.82 4.09 17.97
CA CYS B 92 -29.51 3.98 17.39
C CYS B 92 -29.36 4.80 16.14
N ILE B 93 -28.14 5.25 15.93
CA ILE B 93 -27.77 5.96 14.74
C ILE B 93 -26.93 5.00 13.91
N GLU B 94 -27.34 4.81 12.67
CA GLU B 94 -26.80 3.73 11.80
C GLU B 94 -26.69 4.14 10.34
N PHE B 95 -25.92 3.40 9.57
CA PHE B 95 -25.96 3.55 8.10
C PHE B 95 -27.31 3.02 7.68
N PRO B 96 -27.91 3.59 6.62
CA PRO B 96 -29.11 2.88 6.11
C PRO B 96 -28.79 1.44 5.73
N ALA B 97 -29.73 0.53 5.99
CA ALA B 97 -29.46 -0.87 5.90
C ALA B 97 -30.71 -1.70 5.97
N GLY B 98 -30.59 -2.83 5.35
CA GLY B 98 -31.62 -3.85 5.47
C GLY B 98 -31.20 -5.18 4.88
N LEU B 99 -32.00 -6.22 5.11
CA LEU B 99 -31.74 -7.55 4.52
C LEU B 99 -31.93 -7.54 3.00
N ILE B 100 -31.18 -8.39 2.32
CA ILE B 100 -31.22 -8.52 0.87
C ILE B 100 -32.33 -9.52 0.52
N ASP B 101 -33.23 -9.13 -0.37
CA ASP B 101 -34.37 -10.00 -0.82
C ASP B 101 -33.83 -11.24 -1.57
N ASP B 102 -34.51 -12.39 -1.46
CA ASP B 102 -34.16 -13.57 -2.34
C ASP B 102 -34.14 -13.12 -3.83
N GLY B 103 -33.07 -13.42 -4.54
CA GLY B 103 -32.91 -12.99 -5.93
C GLY B 103 -32.43 -11.55 -6.19
N GLU B 104 -32.31 -10.74 -5.14
CA GLU B 104 -31.77 -9.37 -5.31
C GLU B 104 -30.22 -9.39 -5.24
N THR B 105 -29.58 -8.53 -6.03
CA THR B 105 -28.13 -8.25 -5.89
C THR B 105 -27.87 -7.30 -4.67
N PRO B 106 -26.64 -7.33 -4.10
CA PRO B 106 -26.40 -6.36 -2.98
C PRO B 106 -26.51 -4.89 -3.43
N GLU B 107 -26.05 -4.60 -4.65
CA GLU B 107 -26.20 -3.24 -5.22
C GLU B 107 -27.67 -2.76 -5.23
N ALA B 108 -28.54 -3.59 -5.74
CA ALA B 108 -29.93 -3.20 -5.89
C ALA B 108 -30.59 -3.09 -4.51
N ALA B 109 -30.20 -3.98 -3.61
CA ALA B 109 -30.68 -3.94 -2.21
C ALA B 109 -30.32 -2.63 -1.57
N ALA B 110 -29.12 -2.17 -1.90
CA ALA B 110 -28.56 -0.91 -1.33
C ALA B 110 -29.30 0.29 -1.83
N LEU B 111 -29.48 0.36 -3.16
CA LEU B 111 -30.26 1.47 -3.68
C LEU B 111 -31.66 1.47 -3.22
N ARG B 112 -32.26 0.28 -3.10
CA ARG B 112 -33.61 0.16 -2.62
C ARG B 112 -33.70 0.59 -1.18
N GLU B 113 -32.87 0.00 -0.30
CA GLU B 113 -32.94 0.42 1.12
C GLU B 113 -32.67 1.89 1.30
N LEU B 114 -31.72 2.45 0.56
CA LEU B 114 -31.40 3.86 0.74
C LEU B 114 -32.63 4.69 0.41
N GLU B 115 -33.28 4.37 -0.70
CA GLU B 115 -34.51 5.08 -1.06
C GLU B 115 -35.62 4.89 -0.09
N GLU B 116 -35.88 3.65 0.33
CA GLU B 116 -36.94 3.43 1.33
C GLU B 116 -36.70 4.17 2.64
N GLU B 117 -35.46 4.13 3.14
CA GLU B 117 -35.19 4.69 4.48
C GLU B 117 -34.93 6.20 4.43
N THR B 118 -34.42 6.70 3.30
CA THR B 118 -34.02 8.12 3.23
C THR B 118 -34.78 8.96 2.18
N GLY B 119 -35.44 8.33 1.23
CA GLY B 119 -35.92 9.00 0.04
C GLY B 119 -34.84 9.37 -0.95
N TYR B 120 -33.53 9.15 -0.68
CA TYR B 120 -32.52 9.52 -1.70
C TYR B 120 -32.30 8.49 -2.73
N LYS B 121 -32.06 8.96 -3.96
CA LYS B 121 -31.69 8.13 -5.12
C LYS B 121 -30.24 8.27 -5.42
N GLY B 122 -29.52 7.16 -5.36
CA GLY B 122 -28.10 7.20 -5.32
C GLY B 122 -27.52 6.41 -6.48
N ASP B 123 -26.22 6.56 -6.64
CA ASP B 123 -25.39 5.83 -7.59
C ASP B 123 -24.42 4.99 -6.84
N ILE B 124 -24.28 3.72 -7.24
CA ILE B 124 -23.25 2.85 -6.67
C ILE B 124 -21.82 3.34 -6.96
N ALA B 125 -20.98 3.39 -5.93
CA ALA B 125 -19.56 3.73 -6.12
C ALA B 125 -18.69 2.51 -6.03
N GLU B 126 -18.89 1.74 -4.96
CA GLU B 126 -18.20 0.49 -4.75
C GLU B 126 -19.04 -0.43 -3.81
N CYS B 127 -18.65 -1.71 -3.78
CA CYS B 127 -19.36 -2.77 -3.04
C CYS B 127 -18.35 -3.70 -2.42
N SER B 128 -18.40 -3.86 -1.10
CA SER B 128 -17.48 -4.76 -0.44
C SER B 128 -17.85 -6.24 -0.67
N PRO B 129 -16.91 -7.16 -0.46
CA PRO B 129 -17.31 -8.52 -0.17
C PRO B 129 -18.12 -8.63 1.12
N ALA B 130 -18.60 -9.85 1.36
CA ALA B 130 -19.34 -10.11 2.56
C ALA B 130 -18.38 -9.92 3.75
N VAL B 131 -18.83 -9.14 4.72
CA VAL B 131 -18.06 -8.84 5.91
C VAL B 131 -18.88 -9.18 7.16
N CYS B 132 -18.23 -9.64 8.22
CA CYS B 132 -19.01 -10.13 9.35
C CYS B 132 -19.43 -9.04 10.34
N MET B 133 -20.54 -9.28 10.99
CA MET B 133 -21.12 -8.30 11.84
C MET B 133 -20.59 -8.43 13.29
N ASP B 134 -20.54 -9.65 13.81
CA ASP B 134 -20.10 -9.90 15.16
C ASP B 134 -19.68 -11.37 15.25
N PRO B 135 -18.47 -11.69 14.76
CA PRO B 135 -18.19 -13.07 14.38
C PRO B 135 -17.97 -13.97 15.60
N GLY B 136 -17.74 -13.36 16.78
CA GLY B 136 -17.72 -14.12 18.01
C GLY B 136 -19.06 -14.59 18.48
N LEU B 137 -20.10 -14.02 17.93
CA LEU B 137 -21.43 -14.34 18.37
C LEU B 137 -22.26 -14.94 17.30
N SER B 138 -22.23 -14.38 16.10
CA SER B 138 -23.17 -14.74 15.05
C SER B 138 -22.50 -14.99 13.75
N ASN B 139 -23.26 -15.51 12.80
CA ASN B 139 -22.75 -15.64 11.45
C ASN B 139 -23.16 -14.52 10.53
N CYS B 140 -23.74 -13.45 11.06
CA CYS B 140 -24.30 -12.42 10.27
C CYS B 140 -23.24 -11.72 9.45
N THR B 141 -23.58 -11.52 8.18
CA THR B 141 -22.75 -10.81 7.27
C THR B 141 -23.56 -9.76 6.46
N ILE B 142 -22.84 -8.74 5.95
CA ILE B 142 -23.39 -7.73 5.13
C ILE B 142 -22.45 -7.39 4.02
N HIS B 143 -22.98 -6.74 2.97
CA HIS B 143 -22.12 -6.03 2.01
C HIS B 143 -22.18 -4.57 2.37
N ILE B 144 -21.03 -3.90 2.48
CA ILE B 144 -20.99 -2.47 2.69
C ILE B 144 -20.95 -1.82 1.30
N VAL B 145 -21.92 -0.96 1.04
CA VAL B 145 -22.07 -0.41 -0.32
C VAL B 145 -21.95 1.10 -0.25
N THR B 146 -20.91 1.61 -0.87
CA THR B 146 -20.65 3.02 -0.94
C THR B 146 -21.49 3.54 -2.08
N VAL B 147 -22.24 4.60 -1.80
CA VAL B 147 -23.15 5.19 -2.76
C VAL B 147 -23.02 6.69 -2.68
N THR B 148 -23.01 7.37 -3.83
CA THR B 148 -23.04 8.85 -3.86
C THR B 148 -24.39 9.35 -4.21
N ILE B 149 -24.76 10.48 -3.65
CA ILE B 149 -26.05 11.04 -3.91
C ILE B 149 -25.86 12.43 -4.49
N ASN B 150 -26.38 12.61 -5.70
CA ASN B 150 -26.23 13.90 -6.35
C ASN B 150 -27.34 14.75 -5.80
N GLY B 151 -27.03 15.50 -4.74
CA GLY B 151 -28.00 16.29 -4.00
C GLY B 151 -28.55 17.52 -4.78
N ASP B 152 -27.99 17.83 -5.93
CA ASP B 152 -28.43 18.96 -6.73
C ASP B 152 -29.38 18.51 -7.84
N ASP B 153 -29.60 17.18 -7.96
CA ASP B 153 -30.49 16.59 -8.96
C ASP B 153 -31.90 16.76 -8.46
N ALA B 154 -32.83 17.01 -9.39
CA ALA B 154 -34.19 17.30 -9.02
C ALA B 154 -34.84 16.13 -8.21
N GLU B 155 -34.46 14.89 -8.53
CA GLU B 155 -35.08 13.72 -7.90
C GLU B 155 -34.73 13.68 -6.41
N ASN B 156 -33.60 14.29 -6.02
CA ASN B 156 -33.16 14.39 -4.60
C ASN B 156 -33.45 15.71 -3.96
N ALA B 157 -34.27 16.55 -4.61
CA ALA B 157 -34.59 17.84 -4.03
C ALA B 157 -35.43 17.73 -2.76
N ARG B 158 -36.51 16.95 -2.84
CA ARG B 158 -37.43 16.73 -1.71
C ARG B 158 -37.48 15.21 -1.54
N PRO B 159 -36.48 14.67 -0.81
CA PRO B 159 -36.37 13.21 -0.77
C PRO B 159 -37.62 12.54 -0.09
N LYS B 160 -38.31 11.65 -0.83
CA LYS B 160 -39.51 10.94 -0.36
C LYS B 160 -39.22 9.55 0.34
N PRO B 161 -39.11 9.50 1.70
CA PRO B 161 -38.81 8.19 2.33
C PRO B 161 -40.02 7.23 2.32
N LYS B 162 -39.87 6.04 1.71
CA LYS B 162 -40.95 5.02 1.68
C LYS B 162 -40.77 3.85 2.71
N PRO B 163 -41.09 4.09 4.01
CA PRO B 163 -41.07 2.98 4.98
C PRO B 163 -41.98 1.80 4.63
N GLY B 164 -41.43 0.58 4.55
CA GLY B 164 -42.24 -0.66 4.64
C GLY B 164 -42.97 -0.75 6.00
N ASP B 165 -43.80 -1.77 6.19
CA ASP B 165 -44.64 -1.82 7.39
C ASP B 165 -43.82 -1.93 8.69
N GLY B 166 -44.17 -1.11 9.69
CA GLY B 166 -43.53 -1.13 11.00
C GLY B 166 -42.13 -0.50 11.09
N GLU B 167 -41.68 0.20 10.05
CA GLU B 167 -40.42 0.94 10.09
C GLU B 167 -40.71 2.40 10.40
N PHE B 168 -39.87 2.99 11.23
CA PHE B 168 -40.04 4.37 11.65
C PHE B 168 -38.62 4.96 11.75
N VAL B 169 -38.26 5.71 10.71
CA VAL B 169 -36.86 6.07 10.43
C VAL B 169 -36.71 7.58 10.28
N GLU B 170 -35.88 8.21 11.14
CA GLU B 170 -35.46 9.62 11.01
C GLU B 170 -34.13 9.69 10.25
N VAL B 171 -34.00 10.69 9.38
CA VAL B 171 -32.80 10.85 8.59
C VAL B 171 -31.94 11.89 9.28
N ILE B 172 -30.64 11.60 9.44
CA ILE B 172 -29.73 12.60 10.00
C ILE B 172 -28.51 12.66 9.09
N SER B 173 -28.28 13.83 8.47
CA SER B 173 -27.11 14.07 7.64
C SER B 173 -26.07 14.84 8.33
N LEU B 174 -24.86 14.33 8.32
CA LEU B 174 -23.79 15.01 9.01
C LEU B 174 -22.65 15.24 8.12
N PRO B 175 -21.95 16.37 8.33
CA PRO B 175 -20.80 16.62 7.48
C PRO B 175 -19.70 15.57 7.62
N LYS B 176 -19.21 15.06 6.51
CA LYS B 176 -18.18 14.05 6.47
C LYS B 176 -16.88 14.58 7.14
N ASN B 177 -16.57 15.86 6.90
CA ASN B 177 -15.32 16.42 7.47
C ASN B 177 -15.24 16.56 9.00
N ASP B 178 -16.36 16.50 9.71
CA ASP B 178 -16.37 16.61 11.17
C ASP B 178 -17.17 15.44 11.77
N LEU B 179 -17.23 14.30 11.07
CA LEU B 179 -18.26 13.29 11.40
C LEU B 179 -18.12 12.83 12.85
N LEU B 180 -16.91 12.45 13.27
CA LEU B 180 -16.76 11.92 14.61
C LEU B 180 -17.21 12.91 15.73
N GLN B 181 -16.80 14.18 15.63
CA GLN B 181 -17.22 15.19 16.60
C GLN B 181 -18.74 15.36 16.61
N ARG B 182 -19.35 15.36 15.42
CA ARG B 182 -20.80 15.46 15.38
C ARG B 182 -21.53 14.27 16.00
N LEU B 183 -21.01 13.05 15.80
CA LEU B 183 -21.62 11.90 16.37
C LEU B 183 -21.47 11.90 17.89
N ASP B 184 -20.30 12.27 18.36
CA ASP B 184 -20.04 12.43 19.82
C ASP B 184 -21.04 13.43 20.42
N ALA B 185 -21.29 14.53 19.71
CA ALA B 185 -22.26 15.51 20.24
C ALA B 185 -23.69 14.97 20.37
N LEU B 186 -24.15 14.24 19.33
CA LEU B 186 -25.46 13.64 19.39
C LEU B 186 -25.62 12.71 20.57
N VAL B 187 -24.63 11.84 20.78
CA VAL B 187 -24.56 10.94 21.93
C VAL B 187 -24.62 11.69 23.26
N ALA B 188 -23.85 12.77 23.37
CA ALA B 188 -23.79 13.59 24.58
C ALA B 188 -25.11 14.30 24.88
N GLU B 189 -25.83 14.74 23.86
CA GLU B 189 -27.06 15.48 24.08
C GLU B 189 -28.33 14.64 24.02
N GLU B 190 -28.35 13.57 23.24
CA GLU B 190 -29.61 12.89 22.84
C GLU B 190 -29.86 11.49 23.39
N HIS B 191 -28.96 10.99 24.27
CA HIS B 191 -28.91 9.55 24.70
C HIS B 191 -29.32 8.49 23.63
N LEU B 192 -28.45 8.38 22.66
CA LEU B 192 -28.56 7.58 21.47
C LEU B 192 -27.33 6.63 21.47
N THR B 193 -27.40 5.52 20.77
CA THR B 193 -26.25 4.63 20.55
C THR B 193 -25.84 4.71 19.09
N VAL B 194 -24.58 5.04 18.84
CA VAL B 194 -24.03 5.01 17.55
C VAL B 194 -23.58 3.61 17.21
N ASP B 195 -23.85 3.19 15.99
CA ASP B 195 -23.38 1.96 15.44
C ASP B 195 -21.89 1.83 15.26
N ALA B 196 -21.35 0.65 15.49
CA ALA B 196 -19.90 0.50 15.54
C ALA B 196 -19.24 0.65 14.19
N ARG B 197 -20.00 0.32 13.11
CA ARG B 197 -19.47 0.55 11.81
C ARG B 197 -19.45 2.04 11.43
N VAL B 198 -20.49 2.80 11.82
CA VAL B 198 -20.53 4.25 11.67
C VAL B 198 -19.35 4.87 12.45
N TYR B 199 -19.20 4.45 13.69
CA TYR B 199 -18.13 4.99 14.52
C TYR B 199 -16.74 4.66 13.98
N SER B 200 -16.56 3.48 13.46
CA SER B 200 -15.31 3.09 12.93
C SER B 200 -14.88 3.88 11.70
N TYR B 201 -15.89 4.10 10.85
CA TYR B 201 -15.73 4.92 9.64
C TYR B 201 -15.37 6.38 10.09
N ALA B 202 -16.08 6.96 11.06
CA ALA B 202 -15.84 8.28 11.54
C ALA B 202 -14.46 8.43 12.13
N LEU B 203 -14.05 7.43 12.89
CA LEU B 203 -12.68 7.37 13.42
C LEU B 203 -11.62 7.40 12.37
N ALA B 204 -11.74 6.54 11.36
CA ALA B 204 -10.76 6.53 10.27
C ALA B 204 -10.73 7.83 9.46
N LEU B 205 -11.87 8.53 9.29
CA LEU B 205 -11.86 9.84 8.61
C LEU B 205 -10.90 10.77 9.38
N LYS B 206 -10.93 10.73 10.71
CA LYS B 206 -10.02 11.51 11.54
C LYS B 206 -8.58 10.99 11.50
N HIS B 207 -8.39 9.69 11.58
CA HIS B 207 -7.06 9.09 11.64
C HIS B 207 -6.25 9.13 10.29
N ALA B 208 -6.96 9.38 9.18
CA ALA B 208 -6.31 9.33 7.88
C ALA B 208 -5.20 10.42 7.80
N ASN B 209 -4.13 10.03 7.11
CA ASN B 209 -2.90 10.83 6.88
C ASN B 209 -2.01 10.91 8.11
N GLN C 16 19.53 9.76 10.62
CA GLN C 16 20.00 10.93 9.79
C GLN C 16 18.77 11.67 9.23
N TYR C 17 18.87 12.99 9.00
CA TYR C 17 17.75 13.80 8.46
C TYR C 17 18.28 15.07 7.82
N ILE C 18 17.48 15.70 6.96
CA ILE C 18 17.92 16.89 6.23
C ILE C 18 17.70 18.04 7.16
N ILE C 19 18.73 18.89 7.33
CA ILE C 19 18.60 20.18 8.07
C ILE C 19 18.12 21.38 7.19
N SER C 20 18.55 21.49 5.95
CA SER C 20 18.29 22.72 5.15
C SER C 20 18.80 22.62 3.73
N GLU C 21 18.00 23.16 2.79
CA GLU C 21 18.24 23.07 1.34
C GLU C 21 18.59 24.47 0.81
N GLU C 22 19.90 24.65 0.57
CA GLU C 22 20.49 25.94 0.22
C GLU C 22 20.69 26.07 -1.31
N LEU C 23 19.92 26.97 -1.93
CA LEU C 23 19.99 27.20 -3.37
C LEU C 23 21.32 27.84 -3.81
N ILE C 24 22.09 27.13 -4.64
CA ILE C 24 23.37 27.62 -5.10
C ILE C 24 23.38 27.89 -6.61
N SER C 25 22.21 27.85 -7.23
CA SER C 25 22.08 28.09 -8.67
C SER C 25 20.87 27.35 -9.25
N GLU C 26 20.16 28.01 -10.17
CA GLU C 26 18.96 27.44 -10.76
C GLU C 26 18.82 27.92 -12.19
N GLY C 27 18.35 27.03 -13.07
CA GLY C 27 18.19 27.33 -14.49
C GLY C 27 16.76 27.08 -14.95
N LYS C 28 16.53 27.15 -16.25
CA LYS C 28 15.19 26.96 -16.82
C LYS C 28 14.77 25.49 -16.90
N TRP C 29 15.55 24.60 -16.28
CA TRP C 29 15.25 23.15 -16.26
C TRP C 29 15.82 22.34 -15.08
N VAL C 30 16.98 22.73 -14.57
CA VAL C 30 17.67 22.07 -13.39
C VAL C 30 18.22 23.09 -12.32
N LYS C 31 18.54 22.63 -11.10
CA LYS C 31 19.11 23.50 -10.05
C LYS C 31 20.13 22.77 -9.17
N LEU C 32 21.03 23.53 -8.57
CA LEU C 32 22.06 22.99 -7.67
C LEU C 32 21.73 23.42 -6.24
N GLU C 33 22.22 22.66 -5.25
CA GLU C 33 21.95 22.93 -3.82
C GLU C 33 23.02 22.45 -2.83
N LYS C 34 23.21 23.23 -1.76
CA LYS C 34 23.99 22.78 -0.60
C LYS C 34 23.00 22.08 0.36
N THR C 35 23.35 20.86 0.79
CA THR C 35 22.38 19.97 1.42
C THR C 35 22.92 19.56 2.79
N THR C 36 22.54 20.34 3.81
CA THR C 36 23.16 20.21 5.14
C THR C 36 22.37 19.21 5.98
N TYR C 37 23.06 18.30 6.68
CA TYR C 37 22.43 17.05 7.17
C TYR C 37 23.09 16.52 8.46
N MET C 38 22.31 15.98 9.39
CA MET C 38 22.86 15.37 10.61
C MET C 38 23.23 13.92 10.36
N ASP C 39 24.49 13.56 10.59
CA ASP C 39 24.91 12.17 10.40
C ASP C 39 24.41 11.37 11.56
N PRO C 40 24.62 10.03 11.50
CA PRO C 40 24.17 9.06 12.50
C PRO C 40 24.86 9.20 13.90
N THR C 41 26.17 9.47 13.90
CA THR C 41 26.94 9.71 15.15
C THR C 41 26.63 11.05 15.86
N GLY C 42 25.84 11.96 15.24
CA GLY C 42 25.54 13.30 15.79
C GLY C 42 26.20 14.46 15.05
N LYS C 43 27.31 14.18 14.34
CA LYS C 43 28.01 15.16 13.50
C LYS C 43 27.14 15.72 12.35
N THR C 44 27.03 17.05 12.38
CA THR C 44 26.49 17.86 11.26
C THR C 44 27.42 17.82 10.00
N ARG C 45 26.87 17.59 8.78
CA ARG C 45 27.71 17.52 7.55
C ARG C 45 27.00 18.10 6.37
N THR C 46 27.62 18.06 5.17
CA THR C 46 27.08 18.78 4.02
C THR C 46 27.32 18.08 2.65
N TRP C 47 26.63 18.55 1.60
CA TRP C 47 26.55 17.84 0.30
C TRP C 47 26.06 18.71 -0.88
N GLU C 48 26.59 18.42 -2.07
CA GLU C 48 26.15 19.10 -3.33
C GLU C 48 25.00 18.26 -4.00
N SER C 49 23.83 18.86 -4.14
CA SER C 49 22.61 18.13 -4.52
C SER C 49 22.00 18.79 -5.76
N VAL C 50 21.62 17.95 -6.73
CA VAL C 50 20.95 18.39 -7.93
C VAL C 50 19.47 17.99 -7.84
N LYS C 51 18.60 18.82 -8.41
CA LYS C 51 17.18 18.58 -8.51
C LYS C 51 16.71 19.25 -9.80
N ARG C 52 15.74 18.67 -10.51
CA ARG C 52 15.11 19.31 -11.70
C ARG C 52 14.08 20.26 -11.20
N THR C 53 13.62 21.16 -12.05
CA THR C 53 12.66 22.20 -11.64
C THR C 53 11.22 21.80 -11.92
N THR C 54 11.01 21.22 -13.11
CA THR C 54 9.71 20.80 -13.68
C THR C 54 8.75 19.88 -12.84
N ARG C 55 9.18 19.34 -11.69
CA ARG C 55 8.35 18.44 -10.84
C ARG C 55 7.20 19.16 -10.09
N LYS C 56 5.98 18.62 -10.21
CA LYS C 56 4.81 19.01 -9.38
C LYS C 56 4.47 17.90 -8.35
N GLN C 58 3.53 15.30 -9.83
CA GLN C 58 3.86 13.97 -10.25
C GLN C 58 4.38 13.10 -9.08
N THR C 59 4.21 11.78 -9.19
CA THR C 59 4.78 10.80 -8.24
C THR C 59 6.31 10.73 -8.34
N ALA C 60 6.79 10.93 -9.56
CA ALA C 60 8.19 10.93 -9.88
C ALA C 60 8.40 11.90 -11.02
N ASP C 61 9.67 12.23 -11.29
CA ASP C 61 9.99 13.08 -12.44
C ASP C 61 9.52 12.43 -13.74
N GLY C 62 9.81 11.13 -13.89
CA GLY C 62 9.56 10.58 -15.25
C GLY C 62 9.20 9.14 -15.26
N VAL C 63 9.14 8.59 -16.47
CA VAL C 63 9.03 7.14 -16.55
C VAL C 63 10.02 6.59 -17.56
N ALA C 64 10.40 5.35 -17.38
CA ALA C 64 11.20 4.58 -18.32
C ALA C 64 10.38 3.32 -18.65
N VAL C 65 10.35 2.95 -19.92
CA VAL C 65 9.45 1.92 -20.32
C VAL C 65 10.30 0.74 -20.74
N ILE C 66 10.05 -0.45 -20.18
CA ILE C 66 10.71 -1.69 -20.60
C ILE C 66 9.71 -2.34 -21.59
N PRO C 67 9.98 -2.24 -22.91
CA PRO C 67 8.95 -2.63 -23.81
C PRO C 67 9.29 -3.96 -24.49
N VAL C 68 8.50 -4.92 -24.17
CA VAL C 68 8.79 -6.28 -24.51
C VAL C 68 7.89 -6.55 -25.74
N LEU C 69 8.55 -6.67 -26.85
CA LEU C 69 7.91 -7.00 -28.15
C LEU C 69 7.71 -8.50 -28.28
N GLN C 70 6.45 -8.90 -28.27
CA GLN C 70 5.98 -10.26 -28.28
C GLN C 70 5.35 -10.64 -29.60
N ARG C 71 5.82 -11.76 -30.17
CA ARG C 71 5.35 -12.24 -31.51
C ARG C 71 5.19 -13.74 -31.48
N THR C 72 4.21 -14.26 -32.19
CA THR C 72 3.92 -15.69 -32.18
C THR C 72 5.11 -16.46 -32.61
N LEU C 73 5.80 -15.97 -33.62
CA LEU C 73 6.90 -16.75 -34.24
C LEU C 73 8.31 -16.53 -33.71
N HIS C 74 8.50 -15.61 -32.75
CA HIS C 74 9.81 -15.22 -32.36
C HIS C 74 10.00 -15.20 -30.83
N TYR C 75 11.23 -15.26 -30.45
CA TYR C 75 11.59 -14.91 -29.06
C TYR C 75 11.31 -13.41 -28.87
N GLU C 76 11.21 -13.00 -27.62
CA GLU C 76 10.87 -11.63 -27.31
C GLU C 76 12.03 -10.75 -27.62
N CYS C 77 11.70 -9.51 -28.00
CA CYS C 77 12.70 -8.48 -28.09
C CYS C 77 12.45 -7.41 -27.07
N ILE C 78 13.52 -6.71 -26.76
CA ILE C 78 13.42 -5.50 -25.91
C ILE C 78 13.62 -4.32 -26.88
N VAL C 79 12.66 -3.40 -26.88
CA VAL C 79 12.72 -2.21 -27.75
C VAL C 79 13.44 -1.08 -27.02
N LEU C 80 14.51 -0.55 -27.61
CA LEU C 80 15.37 0.49 -27.07
C LEU C 80 15.38 1.65 -28.05
N VAL C 81 15.81 2.80 -27.55
CA VAL C 81 16.01 3.97 -28.40
C VAL C 81 17.37 4.52 -28.34
N LYS C 82 17.83 5.05 -29.48
CA LYS C 82 19.09 5.66 -29.56
C LYS C 82 18.86 7.15 -29.90
N GLN C 83 19.54 7.97 -29.14
CA GLN C 83 19.46 9.41 -29.34
C GLN C 83 20.70 10.11 -28.91
N PHE C 84 20.91 11.26 -29.56
CA PHE C 84 21.89 12.21 -29.10
C PHE C 84 21.43 12.85 -27.78
N ARG C 85 22.33 12.87 -26.83
CA ARG C 85 22.14 13.37 -25.48
C ARG C 85 23.22 14.46 -25.18
N PRO C 86 22.79 15.75 -25.14
CA PRO C 86 23.77 16.85 -24.93
C PRO C 86 24.68 16.74 -23.71
N PRO C 87 24.15 16.33 -22.54
CA PRO C 87 25.02 16.17 -21.41
C PRO C 87 26.17 15.19 -21.63
N MET C 88 25.96 14.17 -22.47
CA MET C 88 26.95 13.13 -22.76
C MET C 88 27.84 13.46 -23.98
N GLY C 89 27.38 14.38 -24.82
CA GLY C 89 28.13 14.75 -26.03
C GLY C 89 28.15 13.66 -27.09
N GLY C 90 27.20 12.75 -27.01
CA GLY C 90 27.21 11.59 -27.86
C GLY C 90 25.87 10.91 -27.81
N TYR C 91 25.81 9.81 -28.53
CA TYR C 91 24.58 9.02 -28.64
C TYR C 91 24.50 8.06 -27.51
N CYS C 92 23.27 7.81 -27.01
CA CYS C 92 23.10 6.84 -25.95
C CYS C 92 22.01 5.90 -26.28
N ILE C 93 22.11 4.68 -25.74
CA ILE C 93 21.10 3.66 -25.94
C ILE C 93 20.33 3.46 -24.61
N GLU C 94 19.03 3.65 -24.70
CA GLU C 94 18.14 3.73 -23.48
C GLU C 94 16.82 3.05 -23.68
N PHE C 95 16.09 2.87 -22.55
CA PHE C 95 14.69 2.55 -22.62
C PHE C 95 13.96 3.80 -23.08
N PRO C 96 12.92 3.64 -23.87
CA PRO C 96 12.00 4.78 -24.13
C PRO C 96 11.59 5.39 -22.76
N ALA C 97 11.58 6.72 -22.74
CA ALA C 97 11.46 7.46 -21.51
C ALA C 97 11.08 8.92 -21.74
N GLY C 98 10.42 9.50 -20.74
CA GLY C 98 10.17 10.92 -20.77
C GLY C 98 9.50 11.37 -19.49
N LEU C 99 9.32 12.66 -19.36
CA LEU C 99 8.73 13.20 -18.14
C LEU C 99 7.21 12.97 -18.16
N ILE C 100 6.67 12.74 -16.96
CA ILE C 100 5.22 12.65 -16.74
C ILE C 100 4.53 14.03 -16.83
N ASP C 101 3.59 14.21 -17.74
CA ASP C 101 2.81 15.46 -17.88
C ASP C 101 1.91 15.74 -16.65
N ASP C 102 1.46 17.00 -16.56
CA ASP C 102 0.50 17.41 -15.52
C ASP C 102 -0.86 16.67 -15.63
N GLY C 103 -1.23 15.99 -14.55
CA GLY C 103 -2.48 15.22 -14.50
C GLY C 103 -2.29 13.76 -14.90
N GLU C 104 -1.13 13.44 -15.50
CA GLU C 104 -0.90 12.14 -16.11
C GLU C 104 -0.53 11.09 -15.11
N THR C 105 -1.15 9.94 -15.24
CA THR C 105 -0.68 8.77 -14.54
C THR C 105 0.72 8.30 -15.13
N PRO C 106 1.57 7.66 -14.30
CA PRO C 106 2.79 7.10 -14.91
C PRO C 106 2.46 6.11 -16.05
N GLU C 107 1.37 5.34 -15.87
CA GLU C 107 1.03 4.36 -16.88
C GLU C 107 0.69 5.00 -18.22
N ALA C 108 -0.01 6.13 -18.24
CA ALA C 108 -0.48 6.73 -19.43
C ALA C 108 0.75 7.41 -20.07
N ALA C 109 1.57 8.02 -19.22
CA ALA C 109 2.86 8.56 -19.64
C ALA C 109 3.71 7.48 -20.40
N ALA C 110 3.82 6.30 -19.80
CA ALA C 110 4.51 5.18 -20.36
C ALA C 110 4.00 4.80 -21.77
N LEU C 111 2.70 4.65 -21.93
CA LEU C 111 2.15 4.28 -23.25
C LEU C 111 2.31 5.40 -24.25
N ARG C 112 2.09 6.64 -23.79
CA ARG C 112 2.31 7.82 -24.66
C ARG C 112 3.80 7.94 -25.06
N GLU C 113 4.72 7.89 -24.12
CA GLU C 113 6.14 8.05 -24.50
C GLU C 113 6.60 6.88 -25.41
N LEU C 114 6.13 5.65 -25.11
CA LEU C 114 6.43 4.53 -25.98
C LEU C 114 5.91 4.73 -27.41
N GLU C 115 4.64 5.14 -27.55
CA GLU C 115 4.12 5.37 -28.88
C GLU C 115 4.89 6.50 -29.60
N GLU C 116 5.17 7.60 -28.90
CA GLU C 116 5.85 8.74 -29.49
C GLU C 116 7.28 8.42 -30.04
N GLU C 117 7.99 7.65 -29.26
CA GLU C 117 9.41 7.46 -29.46
C GLU C 117 9.66 6.23 -30.32
N THR C 118 8.72 5.30 -30.33
CA THR C 118 8.86 4.06 -31.10
C THR C 118 7.82 3.75 -32.16
N GLY C 119 6.61 4.32 -32.05
CA GLY C 119 5.42 3.92 -32.83
C GLY C 119 4.64 2.74 -32.32
N TYR C 120 5.17 1.97 -31.35
CA TYR C 120 4.40 0.84 -30.85
C TYR C 120 3.24 1.23 -29.91
N LYS C 121 2.13 0.53 -30.08
CA LYS C 121 1.06 0.55 -29.14
C LYS C 121 1.14 -0.65 -28.21
N GLY C 122 1.29 -0.38 -26.91
CA GLY C 122 1.47 -1.42 -25.89
C GLY C 122 0.39 -1.49 -24.84
N ASP C 123 0.55 -2.48 -23.95
CA ASP C 123 -0.36 -2.76 -22.87
C ASP C 123 0.50 -2.75 -21.59
N ILE C 124 0.01 -2.12 -20.52
CA ILE C 124 0.75 -2.11 -19.28
C ILE C 124 0.80 -3.50 -18.71
N ALA C 125 2.00 -3.95 -18.32
CA ALA C 125 2.17 -5.13 -17.55
C ALA C 125 2.34 -4.85 -16.03
N GLU C 126 3.18 -3.92 -15.67
CA GLU C 126 3.59 -3.73 -14.26
C GLU C 126 4.12 -2.28 -14.21
N CYS C 127 3.99 -1.65 -13.04
CA CYS C 127 4.59 -0.32 -12.83
C CYS C 127 5.33 -0.34 -11.48
N SER C 128 6.61 0.00 -11.49
CA SER C 128 7.39 0.05 -10.26
C SER C 128 6.92 1.19 -9.38
N PRO C 129 7.34 1.17 -8.09
CA PRO C 129 7.23 2.42 -7.30
C PRO C 129 8.29 3.43 -7.79
N ALA C 130 8.25 4.70 -7.37
CA ALA C 130 9.39 5.63 -7.63
C ALA C 130 10.77 5.12 -7.19
N VAL C 131 11.71 5.05 -8.16
CA VAL C 131 13.09 4.52 -7.99
C VAL C 131 14.05 5.65 -8.34
N CYS C 132 15.16 5.69 -7.59
CA CYS C 132 16.12 6.79 -7.65
C CYS C 132 17.08 6.51 -8.87
N MET C 133 17.41 7.54 -9.62
CA MET C 133 18.39 7.43 -10.75
C MET C 133 19.86 7.48 -10.35
N ASP C 134 20.18 8.46 -9.50
CA ASP C 134 21.57 8.70 -9.13
C ASP C 134 21.52 9.33 -7.73
N PRO C 135 21.29 8.50 -6.68
CA PRO C 135 20.93 9.05 -5.36
C PRO C 135 22.08 9.76 -4.59
N GLY C 136 23.33 9.37 -4.89
CA GLY C 136 24.56 10.12 -4.43
C GLY C 136 24.73 11.55 -4.97
N LEU C 137 23.93 11.90 -5.97
CA LEU C 137 24.01 13.15 -6.67
C LEU C 137 22.71 13.84 -6.94
N SER C 138 21.62 13.17 -7.21
CA SER C 138 20.41 13.93 -7.49
C SER C 138 19.27 13.23 -6.76
N ASN C 139 18.14 13.92 -6.69
CA ASN C 139 16.91 13.28 -6.16
C ASN C 139 16.00 12.79 -7.29
N CYS C 140 16.40 12.99 -8.56
CA CYS C 140 15.64 12.49 -9.69
C CYS C 140 15.02 11.05 -9.54
N THR C 141 13.72 10.94 -9.85
CA THR C 141 12.98 9.66 -9.77
C THR C 141 12.21 9.31 -11.07
N ILE C 142 12.04 8.01 -11.27
CA ILE C 142 11.15 7.50 -12.30
C ILE C 142 10.33 6.35 -11.81
N HIS C 143 9.25 6.02 -12.54
CA HIS C 143 8.64 4.70 -12.48
C HIS C 143 9.16 3.92 -13.71
N ILE C 144 9.57 2.71 -13.48
CA ILE C 144 9.94 1.74 -14.50
C ILE C 144 8.61 0.98 -14.76
N VAL C 145 8.10 1.15 -15.97
CA VAL C 145 6.89 0.57 -16.38
C VAL C 145 7.18 -0.49 -17.48
N THR C 146 6.89 -1.75 -17.14
CA THR C 146 6.99 -2.87 -18.06
C THR C 146 5.78 -2.82 -18.97
N VAL C 147 6.00 -2.83 -20.30
CA VAL C 147 4.88 -2.71 -21.26
C VAL C 147 4.99 -3.83 -22.28
N THR C 148 3.95 -4.56 -22.58
CA THR C 148 4.03 -5.68 -23.59
C THR C 148 3.53 -5.10 -24.87
N ILE C 149 4.16 -5.44 -25.99
CA ILE C 149 3.69 -5.00 -27.29
C ILE C 149 3.31 -6.24 -28.10
N ASN C 150 2.06 -6.33 -28.59
CA ASN C 150 1.66 -7.39 -29.48
C ASN C 150 2.14 -7.03 -30.87
N GLY C 151 3.27 -7.58 -31.18
CA GLY C 151 3.93 -7.41 -32.49
C GLY C 151 3.22 -8.00 -33.66
N ASP C 152 2.26 -8.89 -33.44
CA ASP C 152 1.52 -9.50 -34.56
C ASP C 152 0.25 -8.78 -34.87
N ASP C 153 -0.11 -7.80 -34.06
CA ASP C 153 -1.39 -7.14 -34.21
C ASP C 153 -1.18 -6.21 -35.37
N ALA C 154 -2.16 -6.16 -36.27
CA ALA C 154 -2.04 -5.36 -37.45
C ALA C 154 -1.73 -3.88 -37.09
N GLU C 155 -2.29 -3.39 -35.99
CA GLU C 155 -2.04 -2.01 -35.57
C GLU C 155 -0.55 -1.70 -35.27
N ASN C 156 0.25 -2.73 -34.95
CA ASN C 156 1.67 -2.59 -34.76
C ASN C 156 2.47 -3.06 -36.01
N ALA C 157 1.83 -3.18 -37.19
CA ALA C 157 2.56 -3.68 -38.37
C ALA C 157 3.67 -2.74 -38.86
N ARG C 158 3.42 -1.44 -38.86
CA ARG C 158 4.38 -0.50 -39.43
C ARG C 158 4.54 0.61 -38.41
N PRO C 159 5.13 0.30 -37.24
CA PRO C 159 5.31 1.34 -36.24
C PRO C 159 6.08 2.56 -36.76
N LYS C 160 5.55 3.77 -36.55
CA LYS C 160 6.25 5.01 -36.92
C LYS C 160 6.24 5.93 -35.73
N PRO C 161 7.41 6.26 -35.21
CA PRO C 161 7.46 7.19 -34.13
C PRO C 161 6.87 8.51 -34.58
N LYS C 162 6.33 9.25 -33.63
CA LYS C 162 5.86 10.61 -33.88
C LYS C 162 6.53 11.47 -32.79
N PRO C 163 7.82 11.86 -32.99
CA PRO C 163 8.51 12.43 -31.87
C PRO C 163 8.29 13.95 -31.89
N GLY C 164 8.51 14.59 -30.75
CA GLY C 164 8.35 16.05 -30.66
C GLY C 164 9.21 16.79 -31.68
N ASP C 165 8.84 18.02 -32.00
CA ASP C 165 9.81 18.97 -32.54
C ASP C 165 11.03 18.95 -31.60
N GLY C 166 12.24 18.80 -32.12
CA GLY C 166 13.42 18.69 -31.25
C GLY C 166 13.72 17.31 -30.62
N GLU C 167 12.90 16.28 -30.86
CA GLU C 167 13.22 14.90 -30.46
C GLU C 167 13.63 14.15 -31.73
N PHE C 168 14.77 13.46 -31.67
CA PHE C 168 15.30 12.70 -32.80
C PHE C 168 15.67 11.30 -32.26
N VAL C 169 14.90 10.30 -32.67
CA VAL C 169 14.99 8.99 -32.03
C VAL C 169 15.10 7.96 -33.08
N GLU C 170 15.96 6.97 -32.81
CA GLU C 170 16.12 5.79 -33.65
C GLU C 170 15.79 4.59 -32.81
N VAL C 171 15.04 3.67 -33.38
CA VAL C 171 14.53 2.48 -32.63
C VAL C 171 15.45 1.32 -32.94
N ILE C 172 15.87 0.62 -31.88
CA ILE C 172 16.67 -0.57 -31.94
C ILE C 172 15.94 -1.63 -31.09
N SER C 173 15.50 -2.74 -31.70
CA SER C 173 14.95 -3.91 -30.97
C SER C 173 15.91 -5.06 -30.93
N LEU C 174 16.22 -5.55 -29.73
CA LEU C 174 17.23 -6.57 -29.53
C LEU C 174 16.63 -7.74 -28.82
N PRO C 175 17.04 -8.96 -29.17
CA PRO C 175 16.42 -10.14 -28.53
C PRO C 175 16.68 -10.19 -27.02
N LYS C 176 15.67 -10.46 -26.23
CA LYS C 176 15.79 -10.45 -24.76
C LYS C 176 16.81 -11.56 -24.33
N ASN C 177 16.74 -12.69 -25.02
CA ASN C 177 17.62 -13.84 -24.72
C ASN C 177 19.08 -13.66 -25.17
N ASP C 178 19.42 -12.51 -25.76
CA ASP C 178 20.82 -12.22 -26.08
C ASP C 178 21.18 -10.76 -25.85
N LEU C 179 20.55 -10.11 -24.86
CA LEU C 179 20.58 -8.61 -24.79
C LEU C 179 21.94 -8.04 -24.61
N LEU C 180 22.65 -8.53 -23.60
CA LEU C 180 23.95 -8.03 -23.22
C LEU C 180 24.96 -8.15 -24.35
N GLN C 181 25.11 -9.33 -24.91
CA GLN C 181 26.00 -9.55 -26.07
C GLN C 181 25.66 -8.64 -27.23
N ARG C 182 24.40 -8.48 -27.52
CA ARG C 182 23.97 -7.58 -28.56
C ARG C 182 24.24 -6.12 -28.27
N LEU C 183 24.10 -5.70 -27.01
CA LEU C 183 24.51 -4.37 -26.62
C LEU C 183 26.03 -4.18 -26.79
N ASP C 184 26.78 -5.12 -26.24
CA ASP C 184 28.24 -5.11 -26.39
C ASP C 184 28.64 -5.00 -27.87
N ALA C 185 27.92 -5.66 -28.76
CA ALA C 185 28.28 -5.57 -30.20
C ALA C 185 27.99 -4.17 -30.79
N LEU C 186 26.92 -3.51 -30.34
CA LEU C 186 26.65 -2.12 -30.76
C LEU C 186 27.69 -1.13 -30.39
N VAL C 187 28.13 -1.23 -29.13
CA VAL C 187 29.17 -0.46 -28.48
C VAL C 187 30.52 -0.62 -29.21
N ALA C 188 30.73 -1.76 -29.87
CA ALA C 188 31.97 -2.06 -30.62
C ALA C 188 31.99 -1.41 -31.97
N GLU C 189 30.86 -1.45 -32.66
CA GLU C 189 30.76 -0.86 -34.01
C GLU C 189 30.79 0.72 -34.04
N GLU C 190 30.47 1.39 -32.91
CA GLU C 190 30.20 2.85 -32.86
C GLU C 190 30.53 3.39 -31.48
N HIS C 191 30.89 4.68 -31.36
CA HIS C 191 30.90 5.21 -30.01
C HIS C 191 29.50 5.66 -29.63
N LEU C 192 28.96 4.86 -28.73
CA LEU C 192 27.70 5.11 -28.12
C LEU C 192 27.81 4.59 -26.71
N THR C 193 26.95 5.10 -25.84
CA THR C 193 27.00 4.72 -24.40
C THR C 193 25.68 3.98 -24.09
N VAL C 194 25.74 2.85 -23.37
CA VAL C 194 24.53 2.17 -22.99
C VAL C 194 24.05 2.76 -21.66
N ASP C 195 22.78 2.97 -21.47
CA ASP C 195 22.24 3.41 -20.15
C ASP C 195 22.44 2.38 -19.05
N ALA C 196 22.70 2.84 -17.83
CA ALA C 196 22.97 1.93 -16.70
C ALA C 196 21.79 1.04 -16.32
N ARG C 197 20.57 1.53 -16.51
CA ARG C 197 19.37 0.70 -16.25
C ARG C 197 19.22 -0.38 -17.31
N VAL C 198 19.45 0.00 -18.56
CA VAL C 198 19.49 -0.99 -19.59
C VAL C 198 20.53 -2.09 -19.34
N TYR C 199 21.75 -1.71 -18.98
CA TYR C 199 22.79 -2.65 -18.78
C TYR C 199 22.53 -3.55 -17.57
N SER C 200 22.01 -3.01 -16.47
CA SER C 200 21.69 -3.81 -15.26
C SER C 200 20.64 -4.82 -15.61
N TYR C 201 19.67 -4.39 -16.43
CA TYR C 201 18.62 -5.31 -16.89
C TYR C 201 19.25 -6.44 -17.73
N ALA C 202 20.08 -6.07 -18.72
CA ALA C 202 20.76 -7.10 -19.56
C ALA C 202 21.60 -8.09 -18.69
N LEU C 203 22.25 -7.54 -17.70
CA LEU C 203 23.14 -8.40 -16.84
C LEU C 203 22.29 -9.47 -16.08
N ALA C 204 21.23 -9.01 -15.45
CA ALA C 204 20.27 -9.92 -14.79
C ALA C 204 19.67 -10.98 -15.72
N LEU C 205 19.33 -10.61 -16.98
CA LEU C 205 18.82 -11.57 -17.88
C LEU C 205 19.88 -12.65 -18.03
N LYS C 206 21.14 -12.26 -18.22
CA LYS C 206 22.26 -13.23 -18.35
C LYS C 206 22.45 -14.09 -17.06
N HIS C 207 22.39 -13.45 -15.92
CA HIS C 207 22.63 -14.13 -14.61
C HIS C 207 21.51 -15.03 -14.08
N ALA C 208 20.28 -14.77 -14.51
CA ALA C 208 19.17 -15.64 -14.08
C ALA C 208 19.22 -16.89 -14.95
N LYS D 15 26.15 13.53 -37.88
CA LYS D 15 24.85 14.22 -37.68
C LYS D 15 25.07 15.12 -36.47
N GLN D 16 24.63 14.79 -35.26
CA GLN D 16 24.61 15.80 -34.19
C GLN D 16 25.93 15.99 -33.49
N TYR D 17 26.19 17.22 -32.99
CA TYR D 17 27.43 17.49 -32.22
C TYR D 17 27.34 18.65 -31.26
N ILE D 18 28.27 18.69 -30.28
CA ILE D 18 28.41 19.75 -29.28
C ILE D 18 29.13 20.93 -29.94
N ILE D 19 28.85 22.14 -29.43
CA ILE D 19 29.44 23.42 -29.93
C ILE D 19 30.17 24.10 -28.81
N SER D 20 29.50 24.35 -27.70
CA SER D 20 30.13 24.85 -26.51
C SER D 20 29.39 24.39 -25.30
N GLU D 21 30.10 24.49 -24.19
CA GLU D 21 29.60 24.25 -22.88
C GLU D 21 29.95 25.53 -22.09
N GLU D 22 29.00 26.44 -22.03
CA GLU D 22 29.10 27.64 -21.19
C GLU D 22 28.90 27.19 -19.74
N LEU D 23 29.92 27.38 -18.89
CA LEU D 23 29.84 27.10 -17.45
C LEU D 23 28.86 28.08 -16.84
N ILE D 24 27.78 27.59 -16.22
CA ILE D 24 26.75 28.47 -15.58
C ILE D 24 26.97 28.56 -14.08
N SER D 25 27.49 27.53 -13.43
CA SER D 25 27.76 27.60 -12.00
C SER D 25 28.52 26.35 -11.52
N GLU D 26 29.72 26.51 -10.94
CA GLU D 26 30.58 25.38 -10.54
C GLU D 26 30.43 25.17 -9.04
N GLY D 27 31.33 24.46 -8.35
CA GLY D 27 31.02 24.07 -6.92
C GLY D 27 31.89 23.01 -6.32
N LYS D 28 31.78 22.77 -5.02
CA LYS D 28 32.66 21.78 -4.31
C LYS D 28 32.91 20.45 -5.06
N TRP D 29 31.83 19.89 -5.61
CA TRP D 29 31.85 18.53 -6.18
C TRP D 29 31.04 18.29 -7.51
N VAL D 30 30.19 19.24 -7.91
CA VAL D 30 29.33 19.12 -9.10
C VAL D 30 29.21 20.51 -9.72
N LYS D 31 28.87 20.59 -11.01
CA LYS D 31 28.78 21.84 -11.78
C LYS D 31 27.65 21.78 -12.81
N LEU D 32 27.25 22.94 -13.34
CA LEU D 32 26.11 23.09 -14.26
C LEU D 32 26.49 23.95 -15.49
N GLU D 33 26.05 23.57 -16.70
CA GLU D 33 26.40 24.25 -17.96
C GLU D 33 25.24 24.40 -18.89
N LYS D 34 25.27 25.48 -19.68
CA LYS D 34 24.43 25.59 -20.88
C LYS D 34 25.27 24.96 -22.00
N THR D 35 24.65 24.02 -22.70
CA THR D 35 25.26 23.23 -23.76
C THR D 35 24.62 23.67 -25.05
N THR D 36 25.41 24.04 -26.06
CA THR D 36 24.83 24.30 -27.37
C THR D 36 25.18 23.18 -28.31
N TYR D 37 24.24 22.73 -29.13
CA TYR D 37 24.53 21.62 -30.07
C TYR D 37 23.77 21.81 -31.31
N MET D 38 24.23 21.17 -32.38
CA MET D 38 23.57 21.12 -33.65
C MET D 38 22.72 19.89 -33.72
N ASP D 39 21.43 20.08 -33.97
CA ASP D 39 20.50 18.96 -34.21
C ASP D 39 20.61 18.43 -35.62
N PRO D 40 19.95 17.31 -35.94
CA PRO D 40 20.15 16.75 -37.30
C PRO D 40 19.61 17.63 -38.44
N THR D 41 18.59 18.46 -38.16
CA THR D 41 18.02 19.36 -39.18
C THR D 41 19.03 20.42 -39.61
N GLY D 42 20.09 20.65 -38.81
CA GLY D 42 21.07 21.74 -39.00
C GLY D 42 20.76 22.98 -38.15
N LYS D 43 20.09 22.78 -37.05
CA LYS D 43 19.57 23.84 -36.19
C LYS D 43 20.27 23.78 -34.84
N THR D 44 20.68 24.92 -34.34
CA THR D 44 21.36 25.06 -33.06
C THR D 44 20.30 24.95 -31.95
N ARG D 45 20.61 24.26 -30.84
CA ARG D 45 19.70 24.18 -29.71
C ARG D 45 20.48 24.18 -28.44
N THR D 46 19.84 24.32 -27.30
CA THR D 46 20.59 24.31 -26.06
C THR D 46 20.06 23.29 -25.07
N TRP D 47 20.77 23.11 -23.98
CA TRP D 47 20.47 22.11 -22.96
C TRP D 47 21.18 22.46 -21.68
N GLU D 48 20.54 22.30 -20.53
CA GLU D 48 21.24 22.44 -19.25
C GLU D 48 21.69 21.08 -18.75
N SER D 49 22.98 20.96 -18.46
CA SER D 49 23.64 19.69 -18.14
C SER D 49 24.45 19.81 -16.86
N VAL D 50 24.53 18.72 -16.14
CA VAL D 50 25.22 18.65 -14.89
C VAL D 50 26.44 17.78 -15.15
N LYS D 51 27.60 18.15 -14.56
CA LYS D 51 28.77 17.28 -14.53
C LYS D 51 29.44 17.33 -13.16
N ARG D 52 30.12 16.25 -12.79
CA ARG D 52 30.88 16.17 -11.54
C ARG D 52 32.27 16.73 -11.88
N THR D 53 32.95 17.31 -10.89
CA THR D 53 34.20 18.03 -11.15
C THR D 53 35.33 17.24 -10.55
N THR D 54 35.34 15.92 -10.76
CA THR D 54 36.27 15.01 -10.09
C THR D 54 36.73 13.90 -11.05
N ALA D 60 35.46 6.59 -16.39
CA ALA D 60 34.17 6.77 -15.68
C ALA D 60 34.26 7.43 -14.26
N ASP D 61 33.18 8.04 -13.80
CA ASP D 61 33.16 8.62 -12.44
C ASP D 61 33.22 7.58 -11.30
N GLY D 62 32.41 6.52 -11.43
CA GLY D 62 32.29 5.49 -10.38
C GLY D 62 32.24 4.02 -10.80
N VAL D 63 32.08 3.19 -9.78
CA VAL D 63 31.75 1.79 -9.98
C VAL D 63 30.49 1.50 -9.15
N ALA D 64 29.76 0.50 -9.62
CA ALA D 64 28.65 -0.15 -8.84
C ALA D 64 28.97 -1.57 -8.87
N VAL D 65 28.76 -2.27 -7.76
CA VAL D 65 29.06 -3.63 -7.70
C VAL D 65 27.72 -4.40 -7.57
N ILE D 66 27.66 -5.47 -8.34
CA ILE D 66 26.68 -6.55 -8.25
C ILE D 66 27.30 -7.75 -7.54
N PRO D 67 27.12 -7.81 -6.21
CA PRO D 67 27.78 -8.91 -5.51
C PRO D 67 26.87 -10.16 -5.24
N VAL D 68 27.22 -11.29 -5.85
CA VAL D 68 26.53 -12.56 -5.72
C VAL D 68 27.26 -13.46 -4.66
N LEU D 69 26.72 -13.51 -3.45
CA LEU D 69 27.20 -14.44 -2.38
C LEU D 69 26.81 -15.95 -2.59
N GLN D 70 27.78 -16.80 -2.90
CA GLN D 70 27.59 -18.21 -3.29
C GLN D 70 28.10 -19.14 -2.18
N ARG D 71 27.27 -20.08 -1.71
CA ARG D 71 27.68 -21.16 -0.79
C ARG D 71 27.24 -22.50 -1.41
N THR D 72 28.09 -23.53 -1.41
CA THR D 72 27.64 -24.82 -2.00
C THR D 72 26.44 -25.33 -1.19
N LEU D 73 25.51 -26.01 -1.86
CA LEU D 73 24.32 -26.49 -1.16
C LEU D 73 23.37 -25.39 -0.60
N HIS D 74 23.51 -24.15 -1.07
CA HIS D 74 22.61 -23.07 -0.67
C HIS D 74 22.22 -22.22 -1.89
N TYR D 75 21.17 -21.41 -1.75
CA TYR D 75 20.66 -20.45 -2.78
C TYR D 75 21.73 -19.35 -2.83
N GLU D 76 21.79 -18.61 -3.94
CA GLU D 76 22.58 -17.34 -4.04
C GLU D 76 21.84 -16.15 -3.43
N CYS D 77 22.59 -15.17 -2.93
CA CYS D 77 22.06 -13.89 -2.41
C CYS D 77 22.83 -12.75 -3.05
N ILE D 78 22.17 -11.60 -3.12
CA ILE D 78 22.70 -10.43 -3.81
C ILE D 78 22.93 -9.50 -2.64
N VAL D 79 24.17 -9.04 -2.48
CA VAL D 79 24.47 -8.24 -1.29
C VAL D 79 24.21 -6.76 -1.68
N LEU D 80 23.29 -6.13 -1.01
CA LEU D 80 23.01 -4.71 -1.16
C LEU D 80 23.44 -3.96 0.05
N VAL D 81 23.33 -2.63 -0.03
CA VAL D 81 23.64 -1.77 1.08
C VAL D 81 22.63 -0.68 1.09
N LYS D 82 22.29 -0.20 2.30
CA LYS D 82 21.46 1.02 2.50
C LYS D 82 22.24 2.00 3.29
N GLN D 83 21.89 3.26 3.07
CA GLN D 83 22.60 4.41 3.57
C GLN D 83 21.71 5.59 3.21
N PHE D 84 21.88 6.68 3.94
CA PHE D 84 21.16 7.97 3.77
C PHE D 84 21.81 8.70 2.65
N ARG D 85 20.99 9.26 1.76
CA ARG D 85 21.49 9.93 0.58
C ARG D 85 20.95 11.33 0.66
N PRO D 86 21.80 12.32 0.98
CA PRO D 86 21.36 13.72 1.07
C PRO D 86 20.60 14.28 -0.07
N PRO D 87 21.00 13.95 -1.32
CA PRO D 87 20.17 14.51 -2.39
C PRO D 87 18.69 13.96 -2.35
N MET D 88 18.52 12.71 -1.91
CA MET D 88 17.18 12.05 -1.87
C MET D 88 16.43 12.35 -0.54
N GLY D 89 17.10 12.95 0.45
CA GLY D 89 16.42 13.15 1.70
C GLY D 89 16.04 11.86 2.39
N GLY D 90 16.67 10.71 2.08
CA GLY D 90 16.19 9.54 2.78
C GLY D 90 17.10 8.45 2.49
N TYR D 91 16.79 7.30 3.03
CA TYR D 91 17.66 6.17 2.87
C TYR D 91 17.39 5.47 1.50
N CYS D 92 18.44 4.82 0.95
CA CYS D 92 18.38 4.21 -0.34
C CYS D 92 18.97 2.85 -0.26
N ILE D 93 18.43 1.97 -1.08
CA ILE D 93 18.94 0.63 -1.13
C ILE D 93 19.61 0.56 -2.51
N GLU D 94 20.93 0.25 -2.51
CA GLU D 94 21.73 0.33 -3.74
C GLU D 94 22.65 -0.79 -3.80
N PHE D 95 23.25 -0.94 -4.99
CA PHE D 95 24.33 -1.87 -5.14
C PHE D 95 25.46 -1.10 -4.43
N PRO D 96 26.37 -1.82 -3.82
CA PRO D 96 27.52 -1.03 -3.24
C PRO D 96 28.24 -0.30 -4.39
N ALA D 97 28.68 0.92 -4.13
CA ALA D 97 29.20 1.78 -5.19
C ALA D 97 30.22 2.71 -4.63
N GLY D 98 31.03 3.28 -5.52
CA GLY D 98 31.91 4.38 -5.12
C GLY D 98 32.64 5.01 -6.30
N LEU D 99 33.16 6.23 -6.11
CA LEU D 99 33.94 6.93 -7.17
C LEU D 99 35.28 6.25 -7.33
N ILE D 100 35.84 6.26 -8.52
CA ILE D 100 37.12 5.59 -8.71
C ILE D 100 38.23 6.57 -8.30
N ASP D 101 39.28 6.03 -7.67
CA ASP D 101 40.45 6.81 -7.20
C ASP D 101 41.48 6.85 -8.33
N ASP D 102 42.12 8.01 -8.54
CA ASP D 102 43.16 8.18 -9.60
C ASP D 102 44.25 7.08 -9.55
N GLY D 103 44.50 6.41 -10.68
CA GLY D 103 45.47 5.32 -10.78
C GLY D 103 44.84 3.93 -10.78
N GLU D 104 43.79 3.75 -9.97
CA GLU D 104 43.10 2.47 -9.74
C GLU D 104 42.20 2.08 -10.90
N THR D 105 42.23 0.81 -11.31
CA THR D 105 41.35 0.30 -12.37
C THR D 105 39.91 0.14 -11.81
N PRO D 106 38.87 0.07 -12.67
CA PRO D 106 37.52 -0.36 -12.17
C PRO D 106 37.47 -1.67 -11.34
N GLU D 107 38.06 -2.74 -11.86
CA GLU D 107 37.99 -4.02 -11.19
C GLU D 107 38.53 -3.88 -9.77
N ALA D 108 39.64 -3.15 -9.62
CA ALA D 108 40.32 -3.10 -8.32
C ALA D 108 39.49 -2.21 -7.41
N ALA D 109 38.87 -1.17 -7.98
CA ALA D 109 38.04 -0.28 -7.15
C ALA D 109 36.72 -0.98 -6.71
N ALA D 110 36.14 -1.80 -7.57
CA ALA D 110 34.91 -2.53 -7.18
C ALA D 110 35.26 -3.46 -6.00
N LEU D 111 36.28 -4.31 -6.17
CA LEU D 111 36.72 -5.22 -5.09
C LEU D 111 37.05 -4.45 -3.82
N ARG D 112 37.70 -3.30 -3.96
CA ARG D 112 38.02 -2.49 -2.76
C ARG D 112 36.74 -1.92 -2.14
N GLU D 113 35.92 -1.33 -2.97
CA GLU D 113 34.67 -0.69 -2.46
C GLU D 113 33.62 -1.74 -1.95
N LEU D 114 33.60 -2.95 -2.52
CA LEU D 114 32.81 -4.06 -1.93
C LEU D 114 33.41 -4.52 -0.57
N GLU D 115 34.72 -4.71 -0.47
CA GLU D 115 35.31 -4.98 0.86
C GLU D 115 35.04 -3.82 1.86
N GLU D 116 35.16 -2.54 1.44
CA GLU D 116 34.83 -1.41 2.33
C GLU D 116 33.43 -1.40 2.90
N GLU D 117 32.43 -1.48 2.02
CA GLU D 117 31.05 -1.24 2.41
C GLU D 117 30.37 -2.50 2.96
N THR D 118 30.96 -3.66 2.68
CA THR D 118 30.37 -4.96 3.04
C THR D 118 31.24 -5.89 3.85
N GLY D 119 32.55 -5.75 3.78
CA GLY D 119 33.46 -6.73 4.37
C GLY D 119 33.85 -7.88 3.46
N TYR D 120 33.09 -8.18 2.38
CA TYR D 120 33.42 -9.38 1.60
C TYR D 120 34.62 -9.22 0.62
N LYS D 121 35.24 -10.34 0.30
CA LYS D 121 36.40 -10.43 -0.54
C LYS D 121 35.89 -11.19 -1.76
N GLY D 122 35.70 -10.41 -2.84
CA GLY D 122 35.12 -10.89 -4.09
C GLY D 122 36.12 -11.50 -5.03
N ASP D 123 35.58 -12.11 -6.07
CA ASP D 123 36.32 -12.54 -7.22
C ASP D 123 35.62 -11.85 -8.40
N ILE D 124 36.39 -11.21 -9.28
CA ILE D 124 35.81 -10.52 -10.44
C ILE D 124 35.27 -11.50 -11.44
N ALA D 125 33.98 -11.36 -11.74
CA ALA D 125 33.31 -12.15 -12.79
C ALA D 125 33.29 -11.36 -14.13
N GLU D 126 32.95 -10.10 -14.10
CA GLU D 126 32.88 -9.30 -15.36
C GLU D 126 32.76 -7.84 -15.00
N CYS D 127 33.02 -6.98 -15.98
CA CYS D 127 33.05 -5.53 -15.80
C CYS D 127 32.48 -4.88 -17.07
N SER D 128 31.57 -3.94 -16.90
CA SER D 128 30.89 -3.28 -18.04
C SER D 128 31.80 -2.20 -18.59
N PRO D 129 31.59 -1.79 -19.88
CA PRO D 129 32.16 -0.52 -20.22
C PRO D 129 31.43 0.59 -19.47
N ALA D 130 31.86 1.83 -19.63
CA ALA D 130 31.22 2.94 -18.98
C ALA D 130 29.78 3.14 -19.49
N VAL D 131 28.87 3.32 -18.53
CA VAL D 131 27.41 3.35 -18.83
C VAL D 131 26.90 4.57 -18.10
N CYS D 132 25.90 5.21 -18.71
CA CYS D 132 25.45 6.51 -18.30
C CYS D 132 24.35 6.40 -17.22
N MET D 133 24.44 7.30 -16.24
CA MET D 133 23.53 7.32 -15.11
C MET D 133 22.19 8.00 -15.41
N ASP D 134 22.17 9.13 -16.08
CA ASP D 134 20.94 9.85 -16.41
C ASP D 134 21.24 10.80 -17.57
N PRO D 135 21.27 10.28 -18.81
CA PRO D 135 21.96 11.06 -19.84
C PRO D 135 21.21 12.27 -20.28
N GLY D 136 19.89 12.36 -20.06
CA GLY D 136 19.17 13.60 -20.32
C GLY D 136 19.46 14.74 -19.31
N LEU D 137 20.28 14.45 -18.29
CA LEU D 137 20.62 15.39 -17.25
C LEU D 137 22.12 15.53 -17.04
N SER D 138 22.85 14.47 -16.89
CA SER D 138 24.23 14.53 -16.50
C SER D 138 25.12 13.71 -17.40
N ASN D 139 26.43 13.83 -17.20
CA ASN D 139 27.37 13.10 -18.04
C ASN D 139 27.93 12.01 -17.22
N CYS D 140 27.39 11.80 -16.01
CA CYS D 140 27.97 10.80 -15.12
C CYS D 140 27.84 9.35 -15.68
N THR D 141 28.90 8.60 -15.44
CA THR D 141 29.02 7.21 -15.85
C THR D 141 29.67 6.41 -14.75
N ILE D 142 29.39 5.11 -14.77
CA ILE D 142 30.02 4.13 -13.95
C ILE D 142 30.36 2.91 -14.78
N HIS D 143 31.20 2.05 -14.27
CA HIS D 143 31.27 0.70 -14.68
C HIS D 143 30.44 -0.07 -13.62
N ILE D 144 29.55 -0.92 -14.13
CA ILE D 144 28.93 -2.01 -13.34
C ILE D 144 29.82 -3.25 -13.37
N VAL D 145 30.28 -3.65 -12.17
CA VAL D 145 31.14 -4.77 -12.00
C VAL D 145 30.42 -5.91 -11.28
N THR D 146 30.39 -7.10 -11.90
CA THR D 146 29.80 -8.31 -11.33
C THR D 146 30.89 -9.09 -10.55
N VAL D 147 30.59 -9.34 -9.27
CA VAL D 147 31.55 -9.92 -8.29
C VAL D 147 30.97 -11.13 -7.50
N THR D 148 31.65 -12.28 -7.57
CA THR D 148 31.17 -13.50 -6.90
C THR D 148 31.90 -13.60 -5.58
N ILE D 149 31.20 -13.95 -4.52
CA ILE D 149 31.82 -14.07 -3.20
C ILE D 149 31.79 -15.54 -2.85
N ASN D 150 32.92 -16.08 -2.42
CA ASN D 150 33.03 -17.51 -2.12
C ASN D 150 32.78 -17.61 -0.64
N GLY D 151 31.50 -17.77 -0.24
CA GLY D 151 31.09 -17.76 1.16
C GLY D 151 31.43 -19.04 1.93
N ASP D 152 31.99 -20.04 1.26
CA ASP D 152 32.66 -21.21 1.89
C ASP D 152 34.17 -20.99 2.17
N ASP D 153 34.63 -19.74 2.03
CA ASP D 153 35.97 -19.34 2.41
C ASP D 153 35.81 -18.71 3.79
N ALA D 154 36.77 -19.08 4.65
CA ALA D 154 36.91 -18.54 6.01
C ALA D 154 36.81 -16.99 6.06
N GLU D 155 37.55 -16.31 5.17
CA GLU D 155 37.64 -14.85 5.16
C GLU D 155 36.27 -14.18 5.00
N ASN D 156 35.35 -14.89 4.34
CA ASN D 156 33.95 -14.46 4.17
C ASN D 156 32.89 -15.11 5.11
N ALA D 157 33.31 -15.70 6.22
CA ALA D 157 32.42 -16.44 7.11
C ALA D 157 31.37 -15.54 7.76
N ARG D 158 31.81 -14.41 8.29
CA ARG D 158 30.91 -13.40 8.84
C ARG D 158 31.63 -12.06 9.03
N PRO D 159 32.18 -11.51 7.93
CA PRO D 159 32.97 -10.24 8.00
C PRO D 159 32.12 -8.97 8.27
N LYS D 160 32.82 -7.85 8.55
CA LYS D 160 32.20 -6.53 8.89
C LYS D 160 32.79 -5.38 8.04
N PRO D 161 31.99 -4.33 7.79
CA PRO D 161 32.42 -3.27 6.87
C PRO D 161 33.47 -2.34 7.49
N LYS D 162 34.43 -1.90 6.68
CA LYS D 162 35.41 -0.87 7.05
C LYS D 162 35.08 0.49 6.34
N PRO D 163 34.17 1.28 6.93
CA PRO D 163 33.83 2.56 6.27
C PRO D 163 34.91 3.63 6.40
N GLY D 164 34.96 4.54 5.42
CA GLY D 164 35.69 5.81 5.58
C GLY D 164 34.97 6.69 6.60
N ASP D 165 35.51 7.89 6.87
CA ASP D 165 34.85 8.86 7.77
C ASP D 165 33.63 9.40 7.02
N GLY D 166 32.55 9.60 7.74
CA GLY D 166 31.26 9.94 7.13
C GLY D 166 30.60 8.90 6.21
N GLU D 167 31.07 7.65 6.21
CA GLU D 167 30.43 6.54 5.48
C GLU D 167 29.71 5.63 6.48
N PHE D 168 28.37 5.53 6.37
CA PHE D 168 27.53 4.74 7.28
C PHE D 168 26.60 3.88 6.43
N VAL D 169 26.85 2.58 6.42
CA VAL D 169 26.13 1.68 5.51
C VAL D 169 25.66 0.41 6.22
N GLU D 170 24.38 0.02 6.02
CA GLU D 170 23.91 -1.33 6.41
C GLU D 170 24.01 -2.29 5.20
N VAL D 171 24.54 -3.49 5.41
CA VAL D 171 24.56 -4.56 4.43
C VAL D 171 23.15 -5.19 4.50
N ILE D 172 22.54 -5.43 3.33
CA ILE D 172 21.20 -6.10 3.21
C ILE D 172 21.37 -7.23 2.20
N SER D 173 21.53 -8.46 2.68
CA SER D 173 21.70 -9.59 1.79
C SER D 173 20.29 -10.17 1.51
N LEU D 174 19.95 -10.28 0.22
CA LEU D 174 18.60 -10.75 -0.21
C LEU D 174 18.70 -11.90 -1.12
N PRO D 175 17.70 -12.79 -1.03
CA PRO D 175 17.76 -13.92 -1.92
C PRO D 175 17.59 -13.35 -3.32
N LYS D 176 18.50 -13.77 -4.18
CA LYS D 176 18.43 -13.55 -5.60
C LYS D 176 17.03 -13.99 -6.14
N ASN D 177 16.53 -15.11 -5.62
CA ASN D 177 15.28 -15.74 -6.07
C ASN D 177 13.95 -15.00 -5.83
N ASP D 178 13.93 -14.04 -4.93
CA ASP D 178 12.77 -13.27 -4.70
C ASP D 178 13.14 -11.87 -4.55
N LEU D 179 14.20 -11.44 -5.28
CA LEU D 179 14.62 -10.03 -5.15
C LEU D 179 13.59 -8.96 -5.38
N LEU D 180 12.89 -9.02 -6.50
CA LEU D 180 11.91 -8.02 -6.78
C LEU D 180 10.83 -7.90 -5.70
N GLN D 181 10.30 -9.05 -5.26
CA GLN D 181 9.21 -9.08 -4.22
C GLN D 181 9.65 -8.47 -2.88
N ARG D 182 10.83 -8.90 -2.45
CA ARG D 182 11.49 -8.38 -1.23
C ARG D 182 11.75 -6.94 -1.32
N LEU D 183 12.19 -6.43 -2.49
CA LEU D 183 12.27 -5.00 -2.69
C LEU D 183 10.98 -4.31 -2.58
N ASP D 184 9.96 -4.81 -3.27
CA ASP D 184 8.67 -4.12 -3.21
C ASP D 184 8.12 -4.12 -1.75
N ALA D 185 8.39 -5.19 -0.99
CA ALA D 185 7.95 -5.36 0.41
C ALA D 185 8.63 -4.31 1.28
N LEU D 186 9.98 -4.24 1.19
CA LEU D 186 10.72 -3.17 1.89
C LEU D 186 10.12 -1.81 1.61
N VAL D 187 9.77 -1.55 0.36
CA VAL D 187 9.21 -0.27 -0.04
C VAL D 187 7.79 0.01 0.43
N ALA D 188 7.00 -1.05 0.62
CA ALA D 188 5.63 -0.89 1.07
C ALA D 188 5.61 -0.53 2.57
N GLU D 189 6.64 -1.03 3.26
CA GLU D 189 6.70 -0.98 4.73
C GLU D 189 7.64 0.09 5.32
N GLU D 190 8.78 0.38 4.68
CA GLU D 190 9.78 1.31 5.24
C GLU D 190 10.01 2.60 4.40
N HIS D 191 10.46 3.66 5.07
CA HIS D 191 10.68 4.95 4.46
C HIS D 191 12.01 4.74 3.76
N LEU D 192 11.91 4.33 2.49
CA LEU D 192 13.12 4.23 1.69
C LEU D 192 12.78 4.22 0.21
N THR D 193 13.85 4.22 -0.60
CA THR D 193 13.81 4.18 -2.06
C THR D 193 14.83 3.14 -2.59
N VAL D 194 14.41 2.46 -3.64
CA VAL D 194 15.22 1.42 -4.20
C VAL D 194 15.85 2.15 -5.37
N ASP D 195 17.06 1.77 -5.66
CA ASP D 195 17.74 2.39 -6.80
C ASP D 195 17.18 1.83 -8.08
N ALA D 196 17.14 2.64 -9.12
CA ALA D 196 16.64 2.19 -10.44
C ALA D 196 17.42 1.08 -11.09
N ARG D 197 18.73 1.06 -10.91
N ARG D 197 18.75 1.06 -10.94
CA ARG D 197 19.57 -0.02 -11.42
CA ARG D 197 19.59 -0.06 -11.42
C ARG D 197 19.36 -1.34 -10.68
C ARG D 197 19.22 -1.35 -10.71
N VAL D 198 19.07 -1.26 -9.39
CA VAL D 198 18.76 -2.49 -8.58
C VAL D 198 17.37 -3.10 -9.02
N TYR D 199 16.43 -2.23 -9.18
CA TYR D 199 15.12 -2.60 -9.54
C TYR D 199 15.08 -3.10 -10.97
N SER D 200 15.89 -2.54 -11.87
CA SER D 200 15.94 -3.10 -13.25
C SER D 200 16.52 -4.46 -13.20
N TYR D 201 17.56 -4.65 -12.37
CA TYR D 201 18.17 -5.95 -12.21
C TYR D 201 17.12 -6.99 -11.74
N ALA D 202 16.43 -6.64 -10.65
CA ALA D 202 15.41 -7.49 -10.05
C ALA D 202 14.24 -7.75 -11.10
N LEU D 203 13.78 -6.72 -11.80
CA LEU D 203 12.83 -6.94 -12.92
C LEU D 203 13.25 -8.01 -13.88
N ALA D 204 14.46 -7.82 -14.39
CA ALA D 204 15.02 -8.78 -15.29
C ALA D 204 15.20 -10.20 -14.76
N LEU D 205 15.43 -10.42 -13.45
CA LEU D 205 15.47 -11.81 -12.93
C LEU D 205 14.13 -12.52 -13.10
N LYS D 206 13.08 -11.76 -13.08
CA LYS D 206 11.80 -12.31 -13.29
C LYS D 206 11.47 -12.41 -14.79
N HIS D 207 11.85 -11.40 -15.58
CA HIS D 207 11.54 -11.40 -17.02
C HIS D 207 12.29 -12.45 -17.83
N ALA D 208 13.44 -12.88 -17.32
CA ALA D 208 14.26 -13.87 -17.97
C ALA D 208 13.55 -15.16 -18.30
N ASN D 209 13.94 -15.69 -19.44
CA ASN D 209 13.43 -16.94 -20.01
C ASN D 209 12.01 -16.85 -20.50
MG MG E . -10.59 -11.68 21.29
MG MG F . -9.00 -12.38 24.14
CL CL G . -16.38 8.55 -1.39
N1 K1Y H . -35.27 -9.31 12.75
C4 K1Y H . -34.15 -10.34 14.67
C5 K1Y H . -36.56 -8.96 12.28
C6 K1Y H . -36.65 -8.29 10.94
C7 K1Y H . -37.60 -7.26 10.66
C8 K1Y H . -37.69 -6.69 9.39
C10 K1Y H . -35.88 -8.10 8.63
N K1Y H . -38.97 -9.08 12.94
C K1Y H . -42.46 -9.06 14.10
O K1Y H . -41.24 -8.92 13.34
C1 K1Y H . -39.99 -9.30 13.88
C11 K1Y H . -35.77 -8.70 9.89
C2 K1Y H . -37.59 -9.33 13.16
C3 K1Y H . -35.33 -9.92 13.91
C9 K1Y H . -36.83 -7.10 8.37
O1 K1Y H . -39.85 -9.76 15.01
S K1Y H . -36.90 -10.15 14.57
C1 EDO I . -19.95 -8.26 21.63
O1 EDO I . -20.81 -9.26 21.02
C2 EDO I . -18.52 -8.57 21.22
O2 EDO I . -18.32 -7.93 19.95
C1 EDO J . -22.01 16.31 -8.05
O1 EDO J . -22.83 15.13 -7.90
C2 EDO J . -22.90 17.58 -8.06
O2 EDO J . -23.75 17.61 -6.87
MG MG K . -33.11 -0.93 7.92
MG MG L . -35.70 -0.50 4.85
C1 EDO M . -2.84 -5.23 -29.58
O1 EDO M . -1.89 -4.16 -29.78
C2 EDO M . -2.98 -5.59 -28.11
O2 EDO M . -3.65 -4.54 -27.41
MG MG N . 9.96 12.12 -24.89
MG MG O . 12.54 10.57 -24.25
C1 EDO P . 14.18 11.55 -16.06
O1 EDO P . 15.31 10.74 -16.44
C2 EDO P . 14.55 12.24 -14.76
O2 EDO P . 15.78 12.98 -14.92
MG MG Q . 29.51 4.11 -1.35
MG MG R . 31.60 4.77 -1.68
#